data_1M24
# 
_entry.id   1M24 
# 
_audit_conform.dict_name       mmcif_pdbx.dic 
_audit_conform.dict_version    5.389 
_audit_conform.dict_location   http://mmcif.pdb.org/dictionaries/ascii/mmcif_pdbx.dic 
# 
loop_
_database_2.database_id 
_database_2.database_code 
_database_2.pdbx_database_accession 
_database_2.pdbx_DOI 
PDB   1M24         pdb_00001m24 10.2210/pdb1m24/pdb 
RCSB  RCSB016502   ?            ?                   
WWPDB D_1000016502 ?            ?                   
# 
loop_
_pdbx_audit_revision_history.ordinal 
_pdbx_audit_revision_history.data_content_type 
_pdbx_audit_revision_history.major_revision 
_pdbx_audit_revision_history.minor_revision 
_pdbx_audit_revision_history.revision_date 
1 'Structure model' 1 0 2002-11-06 
2 'Structure model' 1 1 2011-06-14 
3 'Structure model' 1 2 2011-07-13 
4 'Structure model' 1 3 2011-07-27 
5 'Structure model' 1 4 2012-09-05 
6 'Structure model' 1 5 2012-12-12 
7 'Structure model' 1 6 2017-10-11 
8 'Structure model' 2 0 2023-11-15 
9 'Structure model' 2 1 2024-04-03 
# 
_pdbx_audit_revision_details.ordinal             1 
_pdbx_audit_revision_details.revision_ordinal    1 
_pdbx_audit_revision_details.data_content_type   'Structure model' 
_pdbx_audit_revision_details.provider            repository 
_pdbx_audit_revision_details.type                'Initial release' 
_pdbx_audit_revision_details.description         ? 
_pdbx_audit_revision_details.details             ? 
# 
loop_
_pdbx_audit_revision_group.ordinal 
_pdbx_audit_revision_group.revision_ordinal 
_pdbx_audit_revision_group.data_content_type 
_pdbx_audit_revision_group.group 
1  2 'Structure model' 'Version format compliance' 
2  3 'Structure model' 'Version format compliance' 
3  4 'Structure model' 'Atomic model'              
4  4 'Structure model' 'Database references'       
5  4 'Structure model' 'Derived calculations'      
6  4 'Structure model' 'Non-polymer description'   
7  4 'Structure model' 'Structure summary'         
8  5 'Structure model' 'Derived calculations'      
9  6 'Structure model' Other                       
10 7 'Structure model' 'Refinement description'    
11 8 'Structure model' 'Atomic model'              
12 8 'Structure model' 'Data collection'           
13 8 'Structure model' 'Database references'       
14 8 'Structure model' 'Derived calculations'      
15 9 'Structure model' 'Refinement description'    
# 
loop_
_pdbx_audit_revision_category.ordinal 
_pdbx_audit_revision_category.revision_ordinal 
_pdbx_audit_revision_category.data_content_type 
_pdbx_audit_revision_category.category 
1 7 'Structure model' software                      
2 8 'Structure model' atom_site                     
3 8 'Structure model' chem_comp_atom                
4 8 'Structure model' chem_comp_bond                
5 8 'Structure model' database_2                    
6 8 'Structure model' struct_conn                   
7 8 'Structure model' struct_site                   
8 9 'Structure model' pdbx_initial_refinement_model 
# 
loop_
_pdbx_audit_revision_item.ordinal 
_pdbx_audit_revision_item.revision_ordinal 
_pdbx_audit_revision_item.data_content_type 
_pdbx_audit_revision_item.item 
1 8 'Structure model' '_atom_site.auth_atom_id'             
2 8 'Structure model' '_atom_site.label_atom_id'            
3 8 'Structure model' '_database_2.pdbx_DOI'                
4 8 'Structure model' '_database_2.pdbx_database_accession' 
5 8 'Structure model' '_struct_conn.pdbx_leaving_atom_flag' 
6 8 'Structure model' '_struct_site.pdbx_auth_asym_id'      
7 8 'Structure model' '_struct_site.pdbx_auth_comp_id'      
8 8 'Structure model' '_struct_site.pdbx_auth_seq_id'       
# 
_pdbx_database_status.status_code                     REL 
_pdbx_database_status.entry_id                        1M24 
_pdbx_database_status.recvd_initial_deposition_date   2002-06-21 
_pdbx_database_status.deposit_site                    RCSB 
_pdbx_database_status.process_site                    PDBJ 
_pdbx_database_status.status_code_sf                  REL 
_pdbx_database_status.SG_entry                        . 
_pdbx_database_status.status_code_mr                  ? 
_pdbx_database_status.status_code_cs                  ? 
_pdbx_database_status.methods_development_category    ? 
_pdbx_database_status.pdb_format_compatible           Y 
_pdbx_database_status.status_code_nmr_data            ? 
# 
loop_
_pdbx_database_related.db_name 
_pdbx_database_related.db_id 
_pdbx_database_related.content_type 
_pdbx_database_related.details 
PDB 1R9U unspecified 'SOLUTION STRUCTURE OF THE PEPTAIBOL ZERVAMICIN IIB IN METHANO'             
PDB 1DLZ unspecified 'SOLUTION STRUCTURE OF THE PEPTIABOL ZERVAMICIN IIB'                        
PDB 1IH9 unspecified 'SOLUTION STRUCTURE OF THE PEPTAIBOL ZERVAMICIN IIB BOUND TO DPC MICELLES'  
PDB 1GQ0 unspecified 'SOLUTION STRUCTURE OF THE PEPTAIBOL ANTIAMOEBIN I'                         
PDB 1JOH unspecified 'CRYSTAL STRUCTURE OF THE PEPTAIBOL ANTIAMOEBIN I'                          
PDB 1AMT unspecified 'CRYSTAL STRUCTURE OF THE PEPTAIBOL ALAMETHICIN'                            
PDB 1EE7 unspecified 'SOLUTION STRUCTURE OF THE PEPTAIBOL CHRYSOSPERMIN C BOUND TO DPC MICELLES' 
PDB 1OB7 unspecified 'CRYSTAL STRUCTURE OF THE PEPTAIBOL CEPHAIBOL C'                            
PDB 1OB6 unspecified 'CRYSTAL STRUCTURE OF THE PEPTAIBOL CEPHAIBOL B'                            
PDB 1OB4 unspecified 'CRYSTAL STRUCTURE OF THE PEPTAIBOL CEPHAIBOL A'                            
# 
loop_
_audit_author.name 
_audit_author.pdbx_ordinal 
'Chugh, J.K.'   1 
'Brueckner, H.' 2 
'Wallace, B.A.' 3 
# 
_citation.id                        primary 
_citation.title                     
'Model for a Helical Bundle Channel Based on the High-Resolution Crystal Structure of Trichotoxin_A50E' 
_citation.journal_abbrev            Biochemistry 
_citation.journal_volume            41 
_citation.page_first                12934 
_citation.page_last                 ? 
_citation.year                      2002 
_citation.journal_id_ASTM           BICHAW 
_citation.country                   US 
_citation.journal_id_ISSN           0006-2960 
_citation.journal_id_CSD            0033 
_citation.book_publisher            ? 
_citation.pdbx_database_id_PubMed   12390019 
_citation.pdbx_database_id_DOI      10.1021/BI026150Z 
# 
loop_
_citation_author.citation_id 
_citation_author.name 
_citation_author.ordinal 
_citation_author.identifier_ORCID 
primary 'Chugh, J.K.'   1 ? 
primary 'Brueckner, H.' 2 ? 
primary 'Wallace, B.A.' 3 ? 
# 
loop_
_entity.id 
_entity.type 
_entity.src_method 
_entity.pdbx_description 
_entity.formula_weight 
_entity.pdbx_number_of_molecules 
_entity.pdbx_ec 
_entity.pdbx_mutation 
_entity.pdbx_fragment 
_entity.details 
1 polymer     nat TRICHOTOXIN_A50E 1674.039 2 ? ? ? ? 
2 non-polymer syn ACETONITRILE     41.052   2 ? ? ? ? 
3 water       nat water            18.015   5 ? ? ? ? 
# 
_entity_poly.entity_id                      1 
_entity_poly.type                           'polypeptide(L)' 
_entity_poly.nstd_linkage                   no 
_entity_poly.nstd_monomer                   yes 
_entity_poly.pdbx_seq_one_letter_code       '(ACE)(AIB)G(AIB)L(AIB)Q(AIB)(AIB)(AIB)AA(AIB)PL(AIB)(AIB)Q(VOL)' 
_entity_poly.pdbx_seq_one_letter_code_can   XAGALAQAAAAAAPLAAQX 
_entity_poly.pdbx_strand_id                 A,B 
_entity_poly.pdbx_target_identifier         ? 
# 
loop_
_pdbx_entity_nonpoly.entity_id 
_pdbx_entity_nonpoly.name 
_pdbx_entity_nonpoly.comp_id 
2 ACETONITRILE CCN 
3 water        HOH 
# 
loop_
_entity_poly_seq.entity_id 
_entity_poly_seq.num 
_entity_poly_seq.mon_id 
_entity_poly_seq.hetero 
1 1  ACE n 
1 2  AIB n 
1 3  GLY n 
1 4  AIB n 
1 5  LEU n 
1 6  AIB n 
1 7  GLN n 
1 8  AIB n 
1 9  AIB n 
1 10 AIB n 
1 11 ALA n 
1 12 ALA n 
1 13 AIB n 
1 14 PRO n 
1 15 LEU n 
1 16 AIB n 
1 17 AIB n 
1 18 GLN n 
1 19 VOL n 
# 
_entity_src_nat.entity_id                  1 
_entity_src_nat.pdbx_src_id                1 
_entity_src_nat.pdbx_alt_source_flag       sample 
_entity_src_nat.pdbx_beg_seq_num           ? 
_entity_src_nat.pdbx_end_seq_num           ? 
_entity_src_nat.common_name                ? 
_entity_src_nat.pdbx_organism_scientific   'TRICHODERMA VIRIDE' 
_entity_src_nat.pdbx_ncbi_taxonomy_id      5547 
_entity_src_nat.genus                      ? 
_entity_src_nat.species                    ? 
_entity_src_nat.strain                     'NRRL 5242' 
_entity_src_nat.tissue                     ? 
_entity_src_nat.tissue_fraction            ? 
_entity_src_nat.pdbx_secretion             ? 
_entity_src_nat.pdbx_fragment              ? 
_entity_src_nat.pdbx_variant               ? 
_entity_src_nat.pdbx_cell_line             ? 
_entity_src_nat.pdbx_atcc                  ? 
_entity_src_nat.pdbx_cellular_location     ? 
_entity_src_nat.pdbx_organ                 ? 
_entity_src_nat.pdbx_organelle             ? 
_entity_src_nat.pdbx_cell                  ? 
_entity_src_nat.pdbx_plasmid_name          ? 
_entity_src_nat.pdbx_plasmid_details       ? 
_entity_src_nat.details                    ? 
# 
loop_
_chem_comp.id 
_chem_comp.type 
_chem_comp.mon_nstd_flag 
_chem_comp.name 
_chem_comp.pdbx_synonyms 
_chem_comp.formula 
_chem_comp.formula_weight 
ACE non-polymer         . 'ACETYL GROUP'               ? 'C2 H4 O'      44.053  
AIB 'L-peptide linking' n 'ALPHA-AMINOISOBUTYRIC ACID' ? 'C4 H9 N O2'   103.120 
ALA 'L-peptide linking' y ALANINE                      ? 'C3 H7 N O2'   89.093  
CCN non-polymer         . ACETONITRILE                 ? 'C2 H3 N'      41.052  
GLN 'L-peptide linking' y GLUTAMINE                    ? 'C5 H10 N2 O3' 146.144 
GLY 'peptide linking'   y GLYCINE                      ? 'C2 H5 N O2'   75.067  
HOH non-polymer         . WATER                        ? 'H2 O'         18.015  
LEU 'L-peptide linking' y LEUCINE                      ? 'C6 H13 N O2'  131.173 
PRO 'L-peptide linking' y PROLINE                      ? 'C5 H9 N O2'   115.130 
VOL 'L-peptide linking' . L-VALINOL                    ? 'C5 H13 N O'   103.163 
# 
loop_
_pdbx_poly_seq_scheme.asym_id 
_pdbx_poly_seq_scheme.entity_id 
_pdbx_poly_seq_scheme.seq_id 
_pdbx_poly_seq_scheme.mon_id 
_pdbx_poly_seq_scheme.ndb_seq_num 
_pdbx_poly_seq_scheme.pdb_seq_num 
_pdbx_poly_seq_scheme.auth_seq_num 
_pdbx_poly_seq_scheme.pdb_mon_id 
_pdbx_poly_seq_scheme.auth_mon_id 
_pdbx_poly_seq_scheme.pdb_strand_id 
_pdbx_poly_seq_scheme.pdb_ins_code 
_pdbx_poly_seq_scheme.hetero 
A 1 1  ACE 1  0  0  ACE ACE A . n 
A 1 2  AIB 2  1  1  AIB AIB A . n 
A 1 3  GLY 3  2  2  GLY GLY A . n 
A 1 4  AIB 4  3  3  AIB AIB A . n 
A 1 5  LEU 5  4  4  LEU LEU A . n 
A 1 6  AIB 6  5  5  AIB AIB A . n 
A 1 7  GLN 7  6  6  GLN GLN A . n 
A 1 8  AIB 8  7  7  AIB AIB A . n 
A 1 9  AIB 9  8  8  AIB AIB A . n 
A 1 10 AIB 10 9  9  AIB AIB A . n 
A 1 11 ALA 11 10 10 ALA ALA A . n 
A 1 12 ALA 12 11 11 ALA ALA A . n 
A 1 13 AIB 13 12 12 AIB AIB A . n 
A 1 14 PRO 14 13 13 PRO PRO A . n 
A 1 15 LEU 15 14 14 LEU LEU A . n 
A 1 16 AIB 16 15 15 AIB AIB A . n 
A 1 17 AIB 17 16 16 AIB AIB A . n 
A 1 18 GLN 18 17 17 GLN GLN A . n 
A 1 19 VOL 19 18 18 VOL VOL A . n 
B 1 1  ACE 1  0  0  ACE ACE B . n 
B 1 2  AIB 2  1  1  AIB AIB B . n 
B 1 3  GLY 3  2  2  GLY GLY B . n 
B 1 4  AIB 4  3  3  AIB AIB B . n 
B 1 5  LEU 5  4  4  LEU LEU B . n 
B 1 6  AIB 6  5  5  AIB AIB B . n 
B 1 7  GLN 7  6  6  GLN GLN B . n 
B 1 8  AIB 8  7  7  AIB AIB B . n 
B 1 9  AIB 9  8  8  AIB AIB B . n 
B 1 10 AIB 10 9  9  AIB AIB B . n 
B 1 11 ALA 11 10 10 ALA ALA B . n 
B 1 12 ALA 12 11 11 ALA ALA B . n 
B 1 13 AIB 13 12 12 AIB AIB B . n 
B 1 14 PRO 14 13 13 PRO PRO B . n 
B 1 15 LEU 15 14 14 LEU LEU B . n 
B 1 16 AIB 16 15 15 AIB AIB B . n 
B 1 17 AIB 17 16 16 AIB AIB B . n 
B 1 18 GLN 18 17 17 GLN GLN B . n 
B 1 19 VOL 19 18 18 VOL VOL B . n 
# 
loop_
_pdbx_nonpoly_scheme.asym_id 
_pdbx_nonpoly_scheme.entity_id 
_pdbx_nonpoly_scheme.mon_id 
_pdbx_nonpoly_scheme.ndb_seq_num 
_pdbx_nonpoly_scheme.pdb_seq_num 
_pdbx_nonpoly_scheme.auth_seq_num 
_pdbx_nonpoly_scheme.pdb_mon_id 
_pdbx_nonpoly_scheme.auth_mon_id 
_pdbx_nonpoly_scheme.pdb_strand_id 
_pdbx_nonpoly_scheme.pdb_ins_code 
C 2 CCN 1 19   19   CCN CCN A . 
D 2 CCN 1 19   19   CCN CCN B . 
E 3 HOH 1 2001 2001 HOH HOH A . 
E 3 HOH 2 2002 2002 HOH HOH A . 
F 3 HOH 1 2001 2001 HOH HOH B . 
F 3 HOH 2 2002 2002 HOH HOH B . 
F 3 HOH 3 2003 2003 HOH HOH B . 
# 
loop_
_software.name 
_software.classification 
_software.version 
_software.citation_id 
_software.pdbx_ordinal 
MOLREP    phasing          .                   ? 1 
ARP/wARP  'model building' .                   ? 2 
SHELXL-97 refinement       .                   ? 3 
SMART     'data reduction' 'V. 5.054 (BRUKER)' ? 4 
# 
_cell.entry_id           1M24 
_cell.length_a           9.490 
_cell.length_b           16.850 
_cell.length_c           31.680 
_cell.angle_alpha        95.77 
_cell.angle_beta         98.07 
_cell.angle_gamma        99.45 
_cell.Z_PDB              2 
_cell.pdbx_unique_axis   ? 
_cell.length_a_esd       ? 
_cell.length_b_esd       ? 
_cell.length_c_esd       ? 
_cell.angle_alpha_esd    ? 
_cell.angle_beta_esd     ? 
_cell.angle_gamma_esd    ? 
# 
_symmetry.entry_id                         1M24 
_symmetry.space_group_name_H-M             'P 1' 
_symmetry.pdbx_full_space_group_name_H-M   ? 
_symmetry.cell_setting                     ? 
_symmetry.Int_Tables_number                1 
_symmetry.space_group_name_Hall            ? 
# 
_exptl.entry_id          1M24 
_exptl.method            'X-RAY DIFFRACTION' 
_exptl.crystals_number   1 
# 
_exptl_crystal.id                    1 
_exptl_crystal.density_meas          ? 
_exptl_crystal.density_Matthews      1.30 
_exptl_crystal.density_percent_sol   8.28 
_exptl_crystal.description           ? 
_exptl_crystal.F_000                 ? 
_exptl_crystal.preparation           ? 
# 
_exptl_crystal_grow.crystal_id      1 
_exptl_crystal_grow.method          ? 
_exptl_crystal_grow.temp            ? 
_exptl_crystal_grow.temp_details    ? 
_exptl_crystal_grow.pH              ? 
_exptl_crystal_grow.pdbx_pH_range   ? 
_exptl_crystal_grow.pdbx_details    'METHANOL:ACETONITRILE 1:10, EVAPORATION, RECRYSTALLIZATION, TEMPERATURE 268K' 
# 
_diffrn.id                     1 
_diffrn.ambient_temp           150 
_diffrn.ambient_temp_details   ? 
_diffrn.crystal_id             1 
# 
_diffrn_detector.diffrn_id              1 
_diffrn_detector.detector               CCD 
_diffrn_detector.type                   'ADSC QUANTUM 4' 
_diffrn_detector.pdbx_collection_date   2001-04-24 
_diffrn_detector.details                ? 
# 
_diffrn_radiation.diffrn_id                        1 
_diffrn_radiation.wavelength_id                    1 
_diffrn_radiation.pdbx_monochromatic_or_laue_m_l   M 
_diffrn_radiation.monochromator                    'SILICON 111' 
_diffrn_radiation.pdbx_diffrn_protocol             'SINGLE WAVELENGTH' 
_diffrn_radiation.pdbx_scattering_type             x-ray 
# 
_diffrn_radiation_wavelength.id           1 
_diffrn_radiation_wavelength.wavelength   0.6883 
_diffrn_radiation_wavelength.wt           1.0 
# 
_diffrn_source.diffrn_id                   1 
_diffrn_source.source                      SYNCHROTRON 
_diffrn_source.type                        SRS 
_diffrn_source.pdbx_synchrotron_site       SRS 
_diffrn_source.pdbx_synchrotron_beamline   ? 
_diffrn_source.pdbx_wavelength             0.6883 
_diffrn_source.pdbx_wavelength_list        ? 
# 
_reflns.pdbx_diffrn_id               1 
_reflns.pdbx_ordinal                 1 
_reflns.entry_id                     1M24 
_reflns.observed_criterion_sigma_I   0.000 
_reflns.observed_criterion_sigma_F   ? 
_reflns.d_resolution_low             10.000 
_reflns.d_resolution_high            0.900 
_reflns.number_obs                   13427 
_reflns.number_all                   ? 
_reflns.percent_possible_obs         99.7 
_reflns.pdbx_Rmerge_I_obs            0.05140 
_reflns.pdbx_Rsym_value              ? 
_reflns.pdbx_netI_over_sigmaI        15.0300 
_reflns.B_iso_Wilson_estimate        ? 
_reflns.pdbx_redundancy              2.790 
_reflns.R_free_details               ? 
_reflns.limit_h_max                  ? 
_reflns.limit_h_min                  ? 
_reflns.limit_k_max                  ? 
_reflns.limit_k_min                  ? 
_reflns.limit_l_max                  ? 
_reflns.limit_l_min                  ? 
_reflns.observed_criterion_F_max     ? 
_reflns.observed_criterion_F_min     ? 
_reflns.pdbx_chi_squared             ? 
_reflns.pdbx_scaling_rejects         ? 
# 
_reflns_shell.pdbx_diffrn_id         1 
_reflns_shell.pdbx_ordinal           1 
_reflns_shell.d_res_high             0.90 
_reflns_shell.d_res_low              0.95 
_reflns_shell.percent_possible_all   99.9 
_reflns_shell.Rmerge_I_obs           0.26140 
_reflns_shell.pdbx_Rsym_value        ? 
_reflns_shell.meanI_over_sigI_obs    2.360 
_reflns_shell.pdbx_redundancy        2.18 
_reflns_shell.percent_possible_obs   ? 
_reflns_shell.number_unique_all      ? 
_reflns_shell.number_measured_all    ? 
_reflns_shell.number_measured_obs    ? 
_reflns_shell.number_unique_obs      ? 
_reflns_shell.pdbx_chi_squared       ? 
# 
_refine.pdbx_refine_id                           'X-RAY DIFFRACTION' 
_refine.entry_id                                 1M24 
_refine.pdbx_diffrn_id                           1 
_refine.pdbx_TLS_residual_ADP_flag               ? 
_refine.ls_number_reflns_obs                     ? 
_refine.ls_number_reflns_all                     13427 
_refine.pdbx_ls_sigma_I                          ? 
_refine.pdbx_ls_sigma_F                          0.000 
_refine.pdbx_data_cutoff_high_absF               ? 
_refine.pdbx_data_cutoff_low_absF                ? 
_refine.pdbx_data_cutoff_high_rms_absF           ? 
_refine.ls_d_res_low                             10.00 
_refine.ls_d_res_high                            0.90 
_refine.ls_percent_reflns_obs                    99.7 
_refine.ls_R_factor_obs                          0.075 
_refine.ls_R_factor_all                          0.076 
_refine.ls_R_factor_R_work                       ? 
_refine.ls_R_factor_R_free                       0.092 
_refine.ls_R_factor_R_free_error                 ? 
_refine.ls_R_factor_R_free_error_details         ? 
_refine.ls_percent_reflns_R_free                 5.100 
_refine.ls_number_reflns_R_free                  688 
_refine.ls_number_parameters                     2244 
_refine.ls_number_restraints                     2814 
_refine.occupancy_min                            ? 
_refine.occupancy_max                            ? 
_refine.correlation_coeff_Fo_to_Fc               ? 
_refine.correlation_coeff_Fo_to_Fc_free          ? 
_refine.B_iso_mean                               ? 
_refine.aniso_B[1][1]                            ? 
_refine.aniso_B[2][2]                            ? 
_refine.aniso_B[3][3]                            ? 
_refine.aniso_B[1][2]                            ? 
_refine.aniso_B[1][3]                            ? 
_refine.aniso_B[2][3]                            ? 
_refine.solvent_model_details                    ? 
_refine.solvent_model_param_ksol                 ? 
_refine.solvent_model_param_bsol                 ? 
_refine.pdbx_solvent_vdw_probe_radii             ? 
_refine.pdbx_solvent_ion_probe_radii             ? 
_refine.pdbx_solvent_shrinkage_radii             ? 
_refine.pdbx_ls_cross_valid_method               THROUGHOUT 
_refine.details                                  'USED WEIGHTED FULL MATRIX LEAST SQUARES PROCEDURE, NO RESTRAINTS USED' 
_refine.pdbx_starting_model                      'MODEL OF HELICAL PEPTIDE, RESIDUES 1-13.' 
_refine.pdbx_method_to_determine_struct          'MOLECULAR REPLACEMENT' 
_refine.pdbx_isotropic_thermal_model             ? 
_refine.pdbx_stereochemistry_target_values       'ENGH & HUBER' 
_refine.pdbx_stereochem_target_val_spec_case     ? 
_refine.pdbx_R_Free_selection_details            RANDOM 
_refine.pdbx_overall_ESU_R                       ? 
_refine.pdbx_overall_ESU_R_Free                  ? 
_refine.overall_SU_ML                            ? 
_refine.pdbx_overall_phase_error                 ? 
_refine.overall_SU_B                             ? 
_refine.overall_SU_R_Cruickshank_DPI             ? 
_refine.pdbx_overall_SU_R_free_Cruickshank_DPI   ? 
_refine.pdbx_overall_SU_R_Blow_DPI               ? 
_refine.pdbx_overall_SU_R_free_Blow_DPI          ? 
_refine.ls_redundancy_reflns_obs                 ? 
_refine.B_iso_min                                ? 
_refine.B_iso_max                                ? 
_refine.overall_SU_R_free                        ? 
_refine.ls_wR_factor_R_free                      ? 
_refine.ls_wR_factor_R_work                      ? 
_refine.overall_FOM_free_R_set                   ? 
_refine.overall_FOM_work_R_set                   ? 
# 
_refine_analyze.pdbx_refine_id                  'X-RAY DIFFRACTION' 
_refine_analyze.entry_id                        1M24 
_refine_analyze.Luzzati_coordinate_error_obs    ? 
_refine_analyze.Luzzati_sigma_a_obs             ? 
_refine_analyze.Luzzati_d_res_low_obs           ? 
_refine_analyze.Luzzati_coordinate_error_free   ? 
_refine_analyze.Luzzati_sigma_a_free            ? 
_refine_analyze.Luzzati_d_res_low_free          ? 
_refine_analyze.number_disordered_residues      0 
_refine_analyze.occupancy_sum_hydrogen          278.00 
_refine_analyze.occupancy_sum_non_hydrogen      249.00 
_refine_analyze.pdbx_Luzzati_d_res_high_obs     ? 
# 
_refine_hist.pdbx_refine_id                   'X-RAY DIFFRACTION' 
_refine_hist.cycle_id                         LAST 
_refine_hist.pdbx_number_atoms_protein        238 
_refine_hist.pdbx_number_atoms_nucleic_acid   0 
_refine_hist.pdbx_number_atoms_ligand         6 
_refine_hist.number_atoms_solvent             5 
_refine_hist.number_atoms_total               249 
_refine_hist.d_res_high                       0.90 
_refine_hist.d_res_low                        10.00 
# 
loop_
_refine_ls_restr.type 
_refine_ls_restr.dev_ideal 
_refine_ls_restr.dev_ideal_target 
_refine_ls_restr.weight 
_refine_ls_restr.number 
_refine_ls_restr.pdbx_refine_id 
_refine_ls_restr.pdbx_restraint_function 
s_bond_d               0.026 ? ? ? 'X-RAY DIFFRACTION' ? 
s_angle_d              0.026 ? ? ? 'X-RAY DIFFRACTION' ? 
s_similar_dist         0.000 ? ? ? 'X-RAY DIFFRACTION' ? 
s_from_restr_planes    0.026 ? ? ? 'X-RAY DIFFRACTION' ? 
s_zero_chiral_vol      0.101 ? ? ? 'X-RAY DIFFRACTION' ? 
s_non_zero_chiral_vol  1.186 ? ? ? 'X-RAY DIFFRACTION' ? 
s_anti_bump_dis_restr  0.000 ? ? ? 'X-RAY DIFFRACTION' ? 
s_rigid_bond_adp_cmpnt 0.006 ? ? ? 'X-RAY DIFFRACTION' ? 
s_similar_adp_cmpnt    0.030 ? ? ? 'X-RAY DIFFRACTION' ? 
s_approx_iso_adps      0.091 ? ? ? 'X-RAY DIFFRACTION' ? 
# 
_pdbx_refine.pdbx_refine_id                              'X-RAY DIFFRACTION' 
_pdbx_refine.entry_id                                    1M24 
_pdbx_refine.R_factor_all_no_cutoff                      0.076 
_pdbx_refine.R_factor_obs_no_cutoff                      0.075 
_pdbx_refine.free_R_factor_no_cutoff                     0.092 
_pdbx_refine.free_R_error_no_cutoff                      ? 
_pdbx_refine.free_R_val_test_set_size_perc_no_cutoff     5.100 
_pdbx_refine.free_R_val_test_set_ct_no_cutoff            688 
_pdbx_refine.R_factor_all_4sig_cutoff                    0.057 
_pdbx_refine.R_factor_obs_4sig_cutoff                    0.056 
_pdbx_refine.free_R_factor_4sig_cutoff                   0.072 
_pdbx_refine.free_R_val_test_set_size_perc_4sig_cutoff   5.000 
_pdbx_refine.free_R_val_test_set_ct_4sig_cutoff          508 
_pdbx_refine.number_reflns_obs_4sig_cutoff               10153 
# 
_struct.entry_id                  1M24 
_struct.title                     'Trichotoxin_A50E, An Ion Channel-Forming Polypeptide' 
_struct.pdbx_model_details        ? 
_struct.pdbx_CASP_flag            ? 
_struct.pdbx_model_type_details   ? 
# 
_struct_keywords.entry_id        1M24 
_struct_keywords.pdbx_keywords   ANTIBIOTIC 
_struct_keywords.text            'TRICHOTOXIN, PEPTAIBOL, ANTIBACTERIAL, ANTIFUNGAL, ANTIBIOTIC' 
# 
loop_
_struct_asym.id 
_struct_asym.pdbx_blank_PDB_chainid_flag 
_struct_asym.pdbx_modified 
_struct_asym.entity_id 
_struct_asym.details 
A N N 1 ? 
B N N 1 ? 
C N N 2 ? 
D N N 2 ? 
E N N 3 ? 
F N N 3 ? 
# 
_struct_ref.id                         1 
_struct_ref.db_name                    NOR 
_struct_ref.db_code                    NOR01101 
_struct_ref.entity_id                  1 
_struct_ref.pdbx_seq_one_letter_code   ? 
_struct_ref.pdbx_align_begin           ? 
_struct_ref.pdbx_db_accession          NOR01101 
_struct_ref.pdbx_db_isoform            ? 
# 
loop_
_struct_ref_seq.align_id 
_struct_ref_seq.ref_id 
_struct_ref_seq.pdbx_PDB_id_code 
_struct_ref_seq.pdbx_strand_id 
_struct_ref_seq.seq_align_beg 
_struct_ref_seq.pdbx_seq_align_beg_ins_code 
_struct_ref_seq.seq_align_end 
_struct_ref_seq.pdbx_seq_align_end_ins_code 
_struct_ref_seq.pdbx_db_accession 
_struct_ref_seq.db_align_beg 
_struct_ref_seq.pdbx_db_align_beg_ins_code 
_struct_ref_seq.db_align_end 
_struct_ref_seq.pdbx_db_align_end_ins_code 
_struct_ref_seq.pdbx_auth_seq_align_beg 
_struct_ref_seq.pdbx_auth_seq_align_end 
1 1 1M24 A 1 ? 19 ? NOR01101 0 ? 18 ? 0 18 
2 1 1M24 B 1 ? 19 ? NOR01101 0 ? 18 ? 0 18 
# 
loop_
_pdbx_struct_assembly.id 
_pdbx_struct_assembly.details 
_pdbx_struct_assembly.method_details 
_pdbx_struct_assembly.oligomeric_details 
_pdbx_struct_assembly.oligomeric_count 
1 author_defined_assembly   ?    dimeric 2 
2 software_defined_assembly PISA dimeric 2 
# 
loop_
_pdbx_struct_assembly_prop.biol_id 
_pdbx_struct_assembly_prop.type 
_pdbx_struct_assembly_prop.value 
_pdbx_struct_assembly_prop.details 
2 'ABSA (A^2)' 820  ? 
2 MORE         -7   ? 
2 'SSA (A^2)'  3660 ? 
# 
loop_
_pdbx_struct_assembly_gen.assembly_id 
_pdbx_struct_assembly_gen.oper_expression 
_pdbx_struct_assembly_gen.asym_id_list 
1 1 A,B,C,D,E,F 
2 1 A,C,E       
2 2 B,D,F       
# 
loop_
_pdbx_struct_oper_list.id 
_pdbx_struct_oper_list.type 
_pdbx_struct_oper_list.name 
_pdbx_struct_oper_list.symmetry_operation 
_pdbx_struct_oper_list.matrix[1][1] 
_pdbx_struct_oper_list.matrix[1][2] 
_pdbx_struct_oper_list.matrix[1][3] 
_pdbx_struct_oper_list.vector[1] 
_pdbx_struct_oper_list.matrix[2][1] 
_pdbx_struct_oper_list.matrix[2][2] 
_pdbx_struct_oper_list.matrix[2][3] 
_pdbx_struct_oper_list.vector[2] 
_pdbx_struct_oper_list.matrix[3][1] 
_pdbx_struct_oper_list.matrix[3][2] 
_pdbx_struct_oper_list.matrix[3][3] 
_pdbx_struct_oper_list.vector[3] 
1 'identity operation'         1_555 x,y,z     1.0000000000 0.0000000000 0.0000000000 0.0000000000  0.0000000000 1.0000000000 0.0000000000 0.0000000000 0.0000000000 0.0000000000 1.0000000000 0.0000000000  
2 'crystal symmetry operation' 1_665 x+1,y+1,z 1.0000000000 0.0000000000 0.0000000000 17.1007897395 0.0000000000 1.0000000000 0.0000000000 2.5477362688 0.0000000000 0.0000000000 1.0000000000 -4.7482146356 
# 
_struct_biol.id        1 
_struct_biol.details   ? 
# 
loop_
_struct_conf.conf_type_id 
_struct_conf.id 
_struct_conf.pdbx_PDB_helix_id 
_struct_conf.beg_label_comp_id 
_struct_conf.beg_label_asym_id 
_struct_conf.beg_label_seq_id 
_struct_conf.pdbx_beg_PDB_ins_code 
_struct_conf.end_label_comp_id 
_struct_conf.end_label_asym_id 
_struct_conf.end_label_seq_id 
_struct_conf.pdbx_end_PDB_ins_code 
_struct_conf.beg_auth_comp_id 
_struct_conf.beg_auth_asym_id 
_struct_conf.beg_auth_seq_id 
_struct_conf.end_auth_comp_id 
_struct_conf.end_auth_asym_id 
_struct_conf.end_auth_seq_id 
_struct_conf.pdbx_PDB_helix_class 
_struct_conf.details 
_struct_conf.pdbx_PDB_helix_length 
HELX_P HELX_P1 1 AIB A 2 ? GLN A 18 ? AIB A 1 GLN A 17 1 ? 17 
HELX_P HELX_P2 2 AIB B 2 ? GLN B 18 ? AIB B 1 GLN B 17 1 ? 17 
# 
_struct_conf_type.id          HELX_P 
_struct_conf_type.criteria    ? 
_struct_conf_type.reference   ? 
# 
loop_
_struct_conn.id 
_struct_conn.conn_type_id 
_struct_conn.pdbx_leaving_atom_flag 
_struct_conn.pdbx_PDB_id 
_struct_conn.ptnr1_label_asym_id 
_struct_conn.ptnr1_label_comp_id 
_struct_conn.ptnr1_label_seq_id 
_struct_conn.ptnr1_label_atom_id 
_struct_conn.pdbx_ptnr1_label_alt_id 
_struct_conn.pdbx_ptnr1_PDB_ins_code 
_struct_conn.pdbx_ptnr1_standard_comp_id 
_struct_conn.ptnr1_symmetry 
_struct_conn.ptnr2_label_asym_id 
_struct_conn.ptnr2_label_comp_id 
_struct_conn.ptnr2_label_seq_id 
_struct_conn.ptnr2_label_atom_id 
_struct_conn.pdbx_ptnr2_label_alt_id 
_struct_conn.pdbx_ptnr2_PDB_ins_code 
_struct_conn.ptnr1_auth_asym_id 
_struct_conn.ptnr1_auth_comp_id 
_struct_conn.ptnr1_auth_seq_id 
_struct_conn.ptnr2_auth_asym_id 
_struct_conn.ptnr2_auth_comp_id 
_struct_conn.ptnr2_auth_seq_id 
_struct_conn.ptnr2_symmetry 
_struct_conn.pdbx_ptnr3_label_atom_id 
_struct_conn.pdbx_ptnr3_label_seq_id 
_struct_conn.pdbx_ptnr3_label_comp_id 
_struct_conn.pdbx_ptnr3_label_asym_id 
_struct_conn.pdbx_ptnr3_label_alt_id 
_struct_conn.pdbx_ptnr3_PDB_ins_code 
_struct_conn.details 
_struct_conn.pdbx_dist_value 
_struct_conn.pdbx_value_order 
_struct_conn.pdbx_role 
covale1  covale both ? A ACE 1  C ? ? ? 1_555 A AIB 2  N ? ? A ACE 0  A AIB 1  1_555 ? ? ? ? ? ? ? 1.329 ? ? 
covale2  covale both ? A AIB 2  C ? ? ? 1_555 A GLY 3  N ? ? A AIB 1  A GLY 2  1_555 ? ? ? ? ? ? ? 1.324 ? ? 
covale3  covale both ? A GLY 3  C ? ? ? 1_555 A AIB 4  N ? ? A GLY 2  A AIB 3  1_555 ? ? ? ? ? ? ? 1.316 ? ? 
covale4  covale both ? A AIB 4  C ? ? ? 1_555 A LEU 5  N ? ? A AIB 3  A LEU 4  1_555 ? ? ? ? ? ? ? 1.353 ? ? 
covale5  covale both ? A LEU 5  C ? ? ? 1_555 A AIB 6  N ? ? A LEU 4  A AIB 5  1_555 ? ? ? ? ? ? ? 1.339 ? ? 
covale6  covale both ? A AIB 6  C ? ? ? 1_555 A GLN 7  N ? ? A AIB 5  A GLN 6  1_555 ? ? ? ? ? ? ? 1.324 ? ? 
covale7  covale both ? A GLN 7  C ? ? ? 1_555 A AIB 8  N ? ? A GLN 6  A AIB 7  1_555 ? ? ? ? ? ? ? 1.332 ? ? 
covale8  covale both ? A AIB 8  C ? ? ? 1_555 A AIB 9  N ? ? A AIB 7  A AIB 8  1_555 ? ? ? ? ? ? ? 1.337 ? ? 
covale9  covale both ? A AIB 9  C ? ? ? 1_555 A AIB 10 N ? ? A AIB 8  A AIB 9  1_555 ? ? ? ? ? ? ? 1.330 ? ? 
covale10 covale both ? A AIB 10 C ? ? ? 1_555 A ALA 11 N ? ? A AIB 9  A ALA 10 1_555 ? ? ? ? ? ? ? 1.329 ? ? 
covale11 covale both ? A ALA 12 C ? ? ? 1_555 A AIB 13 N ? ? A ALA 11 A AIB 12 1_555 ? ? ? ? ? ? ? 1.327 ? ? 
covale12 covale both ? A AIB 13 C ? ? ? 1_555 A PRO 14 N ? ? A AIB 12 A PRO 13 1_555 ? ? ? ? ? ? ? 1.347 ? ? 
covale13 covale both ? A LEU 15 C ? ? ? 1_555 A AIB 16 N ? ? A LEU 14 A AIB 15 1_555 ? ? ? ? ? ? ? 1.341 ? ? 
covale14 covale both ? A AIB 16 C ? ? ? 1_555 A AIB 17 N ? ? A AIB 15 A AIB 16 1_555 ? ? ? ? ? ? ? 1.334 ? ? 
covale15 covale both ? A AIB 17 C ? ? ? 1_555 A GLN 18 N ? ? A AIB 16 A GLN 17 1_555 ? ? ? ? ? ? ? 1.332 ? ? 
covale16 covale both ? A GLN 18 C ? ? ? 1_555 A VOL 19 N ? ? A GLN 17 A VOL 18 1_555 ? ? ? ? ? ? ? 1.307 ? ? 
covale17 covale both ? B ACE 1  C ? ? ? 1_555 B AIB 2  N ? ? B ACE 0  B AIB 1  1_555 ? ? ? ? ? ? ? 1.268 ? ? 
covale18 covale both ? B AIB 2  C ? ? ? 1_555 B GLY 3  N ? ? B AIB 1  B GLY 2  1_555 ? ? ? ? ? ? ? 1.323 ? ? 
covale19 covale both ? B GLY 3  C ? ? ? 1_555 B AIB 4  N ? ? B GLY 2  B AIB 3  1_555 ? ? ? ? ? ? ? 1.318 ? ? 
covale20 covale both ? B AIB 4  C ? ? ? 1_555 B LEU 5  N ? ? B AIB 3  B LEU 4  1_555 ? ? ? ? ? ? ? 1.338 ? ? 
covale21 covale both ? B LEU 5  C ? ? ? 1_555 B AIB 6  N ? ? B LEU 4  B AIB 5  1_555 ? ? ? ? ? ? ? 1.305 ? ? 
covale22 covale both ? B AIB 6  C ? ? ? 1_555 B GLN 7  N ? ? B AIB 5  B GLN 6  1_555 ? ? ? ? ? ? ? 1.324 ? ? 
covale23 covale both ? B GLN 7  C ? ? ? 1_555 B AIB 8  N ? ? B GLN 6  B AIB 7  1_555 ? ? ? ? ? ? ? 1.330 ? ? 
covale24 covale both ? B AIB 8  C ? ? ? 1_555 B AIB 9  N ? ? B AIB 7  B AIB 8  1_555 ? ? ? ? ? ? ? 1.334 ? ? 
covale25 covale both ? B AIB 9  C ? ? ? 1_555 B AIB 10 N ? ? B AIB 8  B AIB 9  1_555 ? ? ? ? ? ? ? 1.309 ? ? 
covale26 covale both ? B AIB 10 C ? ? ? 1_555 B ALA 11 N ? ? B AIB 9  B ALA 10 1_555 ? ? ? ? ? ? ? 1.321 ? ? 
covale27 covale both ? B ALA 12 C ? ? ? 1_555 B AIB 13 N ? ? B ALA 11 B AIB 12 1_555 ? ? ? ? ? ? ? 1.326 ? ? 
covale28 covale both ? B AIB 13 C ? ? ? 1_555 B PRO 14 N ? ? B AIB 12 B PRO 13 1_555 ? ? ? ? ? ? ? 1.331 ? ? 
covale29 covale both ? B LEU 15 C ? ? ? 1_555 B AIB 16 N ? ? B LEU 14 B AIB 15 1_555 ? ? ? ? ? ? ? 1.337 ? ? 
covale30 covale both ? B AIB 16 C ? ? ? 1_555 B AIB 17 N ? ? B AIB 15 B AIB 16 1_555 ? ? ? ? ? ? ? 1.319 ? ? 
covale31 covale both ? B AIB 17 C ? ? ? 1_555 B GLN 18 N ? ? B AIB 16 B GLN 17 1_555 ? ? ? ? ? ? ? 1.334 ? ? 
covale32 covale both ? B GLN 18 C ? ? ? 1_555 B VOL 19 N ? ? B GLN 17 B VOL 18 1_555 ? ? ? ? ? ? ? 1.317 ? ? 
# 
_struct_conn_type.id          covale 
_struct_conn_type.criteria    ? 
_struct_conn_type.reference   ? 
# 
loop_
_struct_site.id 
_struct_site.pdbx_evidence_code 
_struct_site.pdbx_auth_asym_id 
_struct_site.pdbx_auth_comp_id 
_struct_site.pdbx_auth_seq_id 
_struct_site.pdbx_auth_ins_code 
_struct_site.pdbx_num_residues 
_struct_site.details 
AC1 Software A CCN 19 ? 9  'BINDING SITE FOR RESIDUE CCN A 19'            
AC2 Software B CCN 19 ? 8  'BINDING SITE FOR RESIDUE CCN B 19'            
AC3 Software ? ?   ?  ? 30 'BINDING SITE FOR CHAIN A OF TRICHOTOXIN_A50E' 
AC4 Software ? ?   ?  ? 32 'BINDING SITE FOR CHAIN B OF TRICHOTOXIN_A50E' 
# 
loop_
_struct_site_gen.id 
_struct_site_gen.site_id 
_struct_site_gen.pdbx_num_res 
_struct_site_gen.label_comp_id 
_struct_site_gen.label_asym_id 
_struct_site_gen.label_seq_id 
_struct_site_gen.pdbx_auth_ins_code 
_struct_site_gen.auth_comp_id 
_struct_site_gen.auth_asym_id 
_struct_site_gen.auth_seq_id 
_struct_site_gen.label_atom_id 
_struct_site_gen.label_alt_id 
_struct_site_gen.symmetry 
_struct_site_gen.details 
1  AC1 9  GLN A 7  ? GLN A 6    . ? 1_555 ? 
2  AC1 9  ACE B 1  ? ACE B 0    . ? 1_656 ? 
3  AC1 9  AIB B 2  ? AIB B 1    . ? 1_556 ? 
4  AC1 9  LEU B 15 ? LEU B 14   . ? 1_555 ? 
5  AC1 9  AIB B 16 ? AIB B 15   . ? 1_455 ? 
6  AC1 9  AIB B 17 ? AIB B 16   . ? 1_455 ? 
7  AC1 9  GLN B 18 ? GLN B 17   . ? 1_555 ? 
8  AC1 9  VOL B 19 ? VOL B 18   . ? 1_455 ? 
9  AC1 9  VOL B 19 ? VOL B 18   . ? 1_555 ? 
10 AC2 8  AIB A 2  ? AIB A 1    . ? 1_454 ? 
11 AC2 8  GLY A 3  ? GLY A 2    . ? 1_454 ? 
12 AC2 8  GLN A 18 ? GLN A 17   . ? 1_555 ? 
13 AC2 8  GLN A 18 ? GLN A 17   . ? 1_455 ? 
14 AC2 8  HOH E .  ? HOH A 2002 . ? 1_455 ? 
15 AC2 8  AIB B 6  ? AIB B 5    . ? 1_555 ? 
16 AC2 8  GLN B 7  ? GLN B 6    . ? 1_555 ? 
17 AC2 8  GLN B 7  ? GLN B 6    . ? 1_655 ? 
18 AC3 30 CCN C .  ? CCN A 19   . ? 1_555 ? 
19 AC3 30 HOH E .  ? HOH A 2001 . ? 1_555 ? 
20 AC3 30 HOH E .  ? HOH A 2001 . ? 1_655 ? 
21 AC3 30 HOH E .  ? HOH A 2002 . ? 1_455 ? 
22 AC3 30 HOH E .  ? HOH A 2002 . ? 1_555 ? 
23 AC3 30 ACE B 1  ? ACE B 0    . ? 1_656 ? 
24 AC3 30 AIB B 2  ? AIB B 1    . ? 1_656 ? 
25 AC3 30 AIB B 2  ? AIB B 1    . ? 1_666 ? 
26 AC3 30 GLY B 3  ? GLY B 2    . ? 1_656 ? 
27 AC3 30 AIB B 4  ? AIB B 3    . ? 1_656 ? 
28 AC3 30 LEU B 5  ? LEU B 4    . ? 1_766 ? 
29 AC3 30 GLN B 7  ? GLN B 6    . ? 1_656 ? 
30 AC3 30 GLN B 7  ? GLN B 6    . ? 1_755 ? 
31 AC3 30 GLN B 7  ? GLN B 6    . ? 1_655 ? 
32 AC3 30 AIB B 10 ? AIB B 9    . ? 1_655 ? 
33 AC3 30 ALA B 11 ? ALA B 10   . ? 1_655 ? 
34 AC3 30 ALA B 12 ? ALA B 11   . ? 1_665 ? 
35 AC3 30 AIB B 13 ? AIB B 12   . ? 1_555 ? 
36 AC3 30 PRO B 14 ? PRO B 13   . ? 1_655 ? 
37 AC3 30 PRO B 14 ? PRO B 13   . ? 1_555 ? 
38 AC3 30 LEU B 15 ? LEU B 14   . ? 1_665 ? 
39 AC3 30 AIB B 16 ? AIB B 15   . ? 1_565 ? 
40 AC3 30 AIB B 17 ? AIB B 16   . ? 1_555 ? 
41 AC3 30 GLN B 18 ? GLN B 17   . ? 1_555 ? 
42 AC3 30 VOL B 19 ? VOL B 18   . ? 1_565 ? 
43 AC3 30 CCN D .  ? CCN B 19   . ? 1_555 ? 
44 AC3 30 CCN D .  ? CCN B 19   . ? 1_655 ? 
45 AC3 30 CCN D .  ? CCN B 19   . ? 1_656 ? 
46 AC3 30 HOH F .  ? HOH B 2003 . ? 1_555 ? 
47 AC3 30 HOH F .  ? HOH B 2003 . ? 1_655 ? 
48 AC4 32 ACE A 1  ? ACE A 0    . ? 1_454 ? 
49 AC4 32 AIB A 2  ? AIB A 1    . ? 1_344 ? 
50 AC4 32 GLY A 3  ? GLY A 2    . ? 1_454 ? 
51 AC4 32 AIB A 4  ? AIB A 3    . ? 1_454 ? 
52 AC4 32 LEU A 5  ? LEU A 4    . ? 1_444 ? 
53 AC4 32 GLN A 7  ? GLN A 6    . ? 1_454 ? 
54 AC4 32 GLN A 7  ? GLN A 6    . ? 1_555 ? 
55 AC4 32 AIB A 8  ? AIB A 7    . ? 1_545 ? 
56 AC4 32 AIB A 9  ? AIB A 8    . ? 1_545 ? 
57 AC4 32 AIB A 10 ? AIB A 9    . ? 1_555 ? 
58 AC4 32 ALA A 11 ? ALA A 10   . ? 1_555 ? 
59 AC4 32 ALA A 12 ? ALA A 11   . ? 1_445 ? 
60 AC4 32 ALA A 12 ? ALA A 11   . ? 1_545 ? 
61 AC4 32 AIB A 13 ? AIB A 12   . ? 1_455 ? 
62 AC4 32 PRO A 14 ? PRO A 13   . ? 1_455 ? 
63 AC4 32 PRO A 14 ? PRO A 13   . ? 1_555 ? 
64 AC4 32 LEU A 15 ? LEU A 14   . ? 1_445 ? 
65 AC4 32 LEU A 15 ? LEU A 14   . ? 1_545 ? 
66 AC4 32 AIB A 17 ? AIB A 16   . ? 1_455 ? 
67 AC4 32 GLN A 18 ? GLN A 17   . ? 1_455 ? 
68 AC4 32 VOL A 19 ? VOL A 18   . ? 1_355 ? 
69 AC4 32 CCN C .  ? CCN A 19   . ? 1_555 ? 
70 AC4 32 CCN C .  ? CCN A 19   . ? 1_655 ? 
71 AC4 32 CCN C .  ? CCN A 19   . ? 1_454 ? 
72 AC4 32 CCN C .  ? CCN A 19   . ? 1_554 ? 
73 AC4 32 CCN D .  ? CCN B 19   . ? 1_455 ? 
74 AC4 32 CCN D .  ? CCN B 19   . ? 1_555 ? 
75 AC4 32 HOH F .  ? HOH B 2001 . ? 1_655 ? 
76 AC4 32 HOH F .  ? HOH B 2001 . ? 1_555 ? 
77 AC4 32 HOH F .  ? HOH B 2002 . ? 1_555 ? 
78 AC4 32 HOH F .  ? HOH B 2002 . ? 1_454 ? 
79 AC4 32 HOH F .  ? HOH B 2003 . ? 1_555 ? 
# 
_pdbx_validate_close_contact.id               1 
_pdbx_validate_close_contact.PDB_model_num    1 
_pdbx_validate_close_contact.auth_atom_id_1   HH 
_pdbx_validate_close_contact.auth_asym_id_1   A 
_pdbx_validate_close_contact.auth_comp_id_1   VOL 
_pdbx_validate_close_contact.auth_seq_id_1    18 
_pdbx_validate_close_contact.PDB_ins_code_1   ? 
_pdbx_validate_close_contact.label_alt_id_1   ? 
_pdbx_validate_close_contact.auth_atom_id_2   O 
_pdbx_validate_close_contact.auth_asym_id_2   A 
_pdbx_validate_close_contact.auth_comp_id_2   HOH 
_pdbx_validate_close_contact.auth_seq_id_2    2002 
_pdbx_validate_close_contact.PDB_ins_code_2   ? 
_pdbx_validate_close_contact.label_alt_id_2   ? 
_pdbx_validate_close_contact.dist             1.55 
# 
_pdbx_validate_symm_contact.id                1 
_pdbx_validate_symm_contact.PDB_model_num     1 
_pdbx_validate_symm_contact.auth_atom_id_1    HH2 
_pdbx_validate_symm_contact.auth_asym_id_1    B 
_pdbx_validate_symm_contact.auth_comp_id_1    VOL 
_pdbx_validate_symm_contact.auth_seq_id_1     18 
_pdbx_validate_symm_contact.PDB_ins_code_1    ? 
_pdbx_validate_symm_contact.label_alt_id_1    ? 
_pdbx_validate_symm_contact.site_symmetry_1   1_555 
_pdbx_validate_symm_contact.auth_atom_id_2    H22 
_pdbx_validate_symm_contact.auth_asym_id_2    A 
_pdbx_validate_symm_contact.auth_comp_id_2    CCN 
_pdbx_validate_symm_contact.auth_seq_id_2     19 
_pdbx_validate_symm_contact.PDB_ins_code_2    ? 
_pdbx_validate_symm_contact.label_alt_id_2    ? 
_pdbx_validate_symm_contact.site_symmetry_2   1_655 
_pdbx_validate_symm_contact.dist              1.35 
# 
_pdbx_molecule_features.prd_id    PRD_000160 
_pdbx_molecule_features.name      'TRICHOTOXIN A50E' 
_pdbx_molecule_features.type      Peptaibol 
_pdbx_molecule_features.class     Antibiotic 
_pdbx_molecule_features.details   
;TRICHOTOXIN_A50E IS AN OCTADECAMERIC HELICAL PEPTIDE.
 THE N-TERM IS ACETYLATED (RESIDUE 0)
;
# 
loop_
_pdbx_molecule.instance_id 
_pdbx_molecule.prd_id 
_pdbx_molecule.asym_id 
1 PRD_000160 A 
2 PRD_000160 B 
# 
_pdbx_entry_details.entry_id                 1M24 
_pdbx_entry_details.compound_details         
;TRICHOTOXIN_A50E IS LINEAR PEPTIDE, A MEMBER OF THE PEPTAIBOL
 FAMILY OF MEMBRANE CHANNEL FORMING PEPTIDES.
 HERE, TRICHOTOXIN_A50E IS REPRESENTED BY THE SEQUENCE (SEQRES)
;
_pdbx_entry_details.source_details           ? 
_pdbx_entry_details.nonpolymer_details       ? 
_pdbx_entry_details.sequence_details         ? 
_pdbx_entry_details.has_ligand_of_interest   ? 
# 
loop_
_chem_comp_atom.comp_id 
_chem_comp_atom.atom_id 
_chem_comp_atom.type_symbol 
_chem_comp_atom.pdbx_aromatic_flag 
_chem_comp_atom.pdbx_stereo_config 
_chem_comp_atom.pdbx_ordinal 
ACE C    C N N 1   
ACE O    O N N 2   
ACE CH3  C N N 3   
ACE H    H N N 4   
ACE H1   H N N 5   
ACE H2   H N N 6   
ACE H3   H N N 7   
AIB N    N N N 8   
AIB CA   C N N 9   
AIB C    C N N 10  
AIB O    O N N 11  
AIB OXT  O N N 12  
AIB CB1  C N N 13  
AIB CB2  C N N 14  
AIB H    H N N 15  
AIB H2   H N N 16  
AIB HXT  H N N 17  
AIB HB11 H N N 18  
AIB HB12 H N N 19  
AIB HB13 H N N 20  
AIB HB21 H N N 21  
AIB HB22 H N N 22  
AIB HB23 H N N 23  
ALA N    N N N 24  
ALA CA   C N S 25  
ALA C    C N N 26  
ALA O    O N N 27  
ALA CB   C N N 28  
ALA OXT  O N N 29  
ALA H    H N N 30  
ALA H2   H N N 31  
ALA HA   H N N 32  
ALA HB1  H N N 33  
ALA HB2  H N N 34  
ALA HB3  H N N 35  
ALA HXT  H N N 36  
CCN N    N N N 37  
CCN C1   C N N 38  
CCN C2   C N N 39  
CCN H21  H N N 40  
CCN H22  H N N 41  
CCN H23  H N N 42  
GLN N    N N N 43  
GLN CA   C N S 44  
GLN C    C N N 45  
GLN O    O N N 46  
GLN CB   C N N 47  
GLN CG   C N N 48  
GLN CD   C N N 49  
GLN OE1  O N N 50  
GLN NE2  N N N 51  
GLN OXT  O N N 52  
GLN H    H N N 53  
GLN H2   H N N 54  
GLN HA   H N N 55  
GLN HB2  H N N 56  
GLN HB3  H N N 57  
GLN HG2  H N N 58  
GLN HG3  H N N 59  
GLN HE21 H N N 60  
GLN HE22 H N N 61  
GLN HXT  H N N 62  
GLY N    N N N 63  
GLY CA   C N N 64  
GLY C    C N N 65  
GLY O    O N N 66  
GLY OXT  O N N 67  
GLY H    H N N 68  
GLY H2   H N N 69  
GLY HA2  H N N 70  
GLY HA3  H N N 71  
GLY HXT  H N N 72  
HOH O    O N N 73  
HOH H1   H N N 74  
HOH H2   H N N 75  
LEU N    N N N 76  
LEU CA   C N S 77  
LEU C    C N N 78  
LEU O    O N N 79  
LEU CB   C N N 80  
LEU CG   C N N 81  
LEU CD1  C N N 82  
LEU CD2  C N N 83  
LEU OXT  O N N 84  
LEU H    H N N 85  
LEU H2   H N N 86  
LEU HA   H N N 87  
LEU HB2  H N N 88  
LEU HB3  H N N 89  
LEU HG   H N N 90  
LEU HD11 H N N 91  
LEU HD12 H N N 92  
LEU HD13 H N N 93  
LEU HD21 H N N 94  
LEU HD22 H N N 95  
LEU HD23 H N N 96  
LEU HXT  H N N 97  
PRO N    N N N 98  
PRO CA   C N S 99  
PRO C    C N N 100 
PRO O    O N N 101 
PRO CB   C N N 102 
PRO CG   C N N 103 
PRO CD   C N N 104 
PRO OXT  O N N 105 
PRO H    H N N 106 
PRO HA   H N N 107 
PRO HB2  H N N 108 
PRO HB3  H N N 109 
PRO HG2  H N N 110 
PRO HG3  H N N 111 
PRO HD2  H N N 112 
PRO HD3  H N N 113 
PRO HXT  H N N 114 
VOL N    N N N 115 
VOL CA   C N S 116 
VOL CB   C N N 117 
VOL CG1  C N N 118 
VOL CG2  C N N 119 
VOL C    C N N 120 
VOL O    O N N 121 
VOL H    H N N 122 
VOL H2   H N N 123 
VOL HA   H N N 124 
VOL HB   H N N 125 
VOL HG1  H N N 126 
VOL HG2  H N N 127 
VOL HG3  H N N 128 
VOL H21  H N N 129 
VOL H22  H N N 130 
VOL H23  H N N 131 
VOL HH1  H N N 132 
VOL HH2  H N N 133 
VOL HH   H N N 134 
# 
loop_
_chem_comp_bond.comp_id 
_chem_comp_bond.atom_id_1 
_chem_comp_bond.atom_id_2 
_chem_comp_bond.value_order 
_chem_comp_bond.pdbx_aromatic_flag 
_chem_comp_bond.pdbx_stereo_config 
_chem_comp_bond.pdbx_ordinal 
ACE C   O    doub N N 1   
ACE C   CH3  sing N N 2   
ACE C   H    sing N N 3   
ACE CH3 H1   sing N N 4   
ACE CH3 H2   sing N N 5   
ACE CH3 H3   sing N N 6   
AIB N   CA   sing N N 7   
AIB N   H    sing N N 8   
AIB N   H2   sing N N 9   
AIB CA  C    sing N N 10  
AIB CA  CB1  sing N N 11  
AIB CA  CB2  sing N N 12  
AIB C   O    doub N N 13  
AIB C   OXT  sing N N 14  
AIB OXT HXT  sing N N 15  
AIB CB1 HB11 sing N N 16  
AIB CB1 HB12 sing N N 17  
AIB CB1 HB13 sing N N 18  
AIB CB2 HB21 sing N N 19  
AIB CB2 HB22 sing N N 20  
AIB CB2 HB23 sing N N 21  
ALA N   CA   sing N N 22  
ALA N   H    sing N N 23  
ALA N   H2   sing N N 24  
ALA CA  C    sing N N 25  
ALA CA  CB   sing N N 26  
ALA CA  HA   sing N N 27  
ALA C   O    doub N N 28  
ALA C   OXT  sing N N 29  
ALA CB  HB1  sing N N 30  
ALA CB  HB2  sing N N 31  
ALA CB  HB3  sing N N 32  
ALA OXT HXT  sing N N 33  
CCN N   C1   trip N N 34  
CCN C1  C2   sing N N 35  
CCN C2  H21  sing N N 36  
CCN C2  H22  sing N N 37  
CCN C2  H23  sing N N 38  
GLN N   CA   sing N N 39  
GLN N   H    sing N N 40  
GLN N   H2   sing N N 41  
GLN CA  C    sing N N 42  
GLN CA  CB   sing N N 43  
GLN CA  HA   sing N N 44  
GLN C   O    doub N N 45  
GLN C   OXT  sing N N 46  
GLN CB  CG   sing N N 47  
GLN CB  HB2  sing N N 48  
GLN CB  HB3  sing N N 49  
GLN CG  CD   sing N N 50  
GLN CG  HG2  sing N N 51  
GLN CG  HG3  sing N N 52  
GLN CD  OE1  doub N N 53  
GLN CD  NE2  sing N N 54  
GLN NE2 HE21 sing N N 55  
GLN NE2 HE22 sing N N 56  
GLN OXT HXT  sing N N 57  
GLY N   CA   sing N N 58  
GLY N   H    sing N N 59  
GLY N   H2   sing N N 60  
GLY CA  C    sing N N 61  
GLY CA  HA2  sing N N 62  
GLY CA  HA3  sing N N 63  
GLY C   O    doub N N 64  
GLY C   OXT  sing N N 65  
GLY OXT HXT  sing N N 66  
HOH O   H1   sing N N 67  
HOH O   H2   sing N N 68  
LEU N   CA   sing N N 69  
LEU N   H    sing N N 70  
LEU N   H2   sing N N 71  
LEU CA  C    sing N N 72  
LEU CA  CB   sing N N 73  
LEU CA  HA   sing N N 74  
LEU C   O    doub N N 75  
LEU C   OXT  sing N N 76  
LEU CB  CG   sing N N 77  
LEU CB  HB2  sing N N 78  
LEU CB  HB3  sing N N 79  
LEU CG  CD1  sing N N 80  
LEU CG  CD2  sing N N 81  
LEU CG  HG   sing N N 82  
LEU CD1 HD11 sing N N 83  
LEU CD1 HD12 sing N N 84  
LEU CD1 HD13 sing N N 85  
LEU CD2 HD21 sing N N 86  
LEU CD2 HD22 sing N N 87  
LEU CD2 HD23 sing N N 88  
LEU OXT HXT  sing N N 89  
PRO N   CA   sing N N 90  
PRO N   CD   sing N N 91  
PRO N   H    sing N N 92  
PRO CA  C    sing N N 93  
PRO CA  CB   sing N N 94  
PRO CA  HA   sing N N 95  
PRO C   O    doub N N 96  
PRO C   OXT  sing N N 97  
PRO CB  CG   sing N N 98  
PRO CB  HB2  sing N N 99  
PRO CB  HB3  sing N N 100 
PRO CG  CD   sing N N 101 
PRO CG  HG2  sing N N 102 
PRO CG  HG3  sing N N 103 
PRO CD  HD2  sing N N 104 
PRO CD  HD3  sing N N 105 
PRO OXT HXT  sing N N 106 
VOL N   CA   sing N N 107 
VOL N   H    sing N N 108 
VOL N   H2   sing N N 109 
VOL CA  CB   sing N N 110 
VOL CA  C    sing N N 111 
VOL CA  HA   sing N N 112 
VOL CB  CG1  sing N N 113 
VOL CB  CG2  sing N N 114 
VOL CB  HB   sing N N 115 
VOL CG1 HG1  sing N N 116 
VOL CG1 HG2  sing N N 117 
VOL CG1 HG3  sing N N 118 
VOL CG2 H21  sing N N 119 
VOL CG2 H22  sing N N 120 
VOL CG2 H23  sing N N 121 
VOL C   O    sing N N 122 
VOL C   HH1  sing N N 123 
VOL C   HH2  sing N N 124 
VOL O   HH   sing N N 125 
# 
_pdbx_initial_refinement_model.accession_code   ? 
_pdbx_initial_refinement_model.id               1 
_pdbx_initial_refinement_model.entity_id_list   ? 
_pdbx_initial_refinement_model.type             other 
_pdbx_initial_refinement_model.source_name      ? 
_pdbx_initial_refinement_model.details          'MODEL OF HELICAL PEPTIDE, RESIDUES 1-13.' 
# 
_atom_sites.entry_id                    1M24 
_atom_sites.fract_transf_matrix[1][1]   0.07848216 
_atom_sites.fract_transf_matrix[1][2]   0.00434107 
_atom_sites.fract_transf_matrix[1][3]   0.07437915 
_atom_sites.fract_transf_matrix[2][1]   0.04605714 
_atom_sites.fract_transf_matrix[2][2]   0.02034727 
_atom_sites.fract_transf_matrix[2][3]   -0.03381332 
_atom_sites.fract_transf_matrix[3][1]   -0.00235527 
_atom_sites.fract_transf_matrix[3][2]   0.03099990 
_atom_sites.fract_transf_matrix[3][3]   0.00815099 
_atom_sites.fract_transf_vector[1]      0.529805 
_atom_sites.fract_transf_vector[2]      0.229168 
_atom_sites.fract_transf_vector[3]      0.324182 
# 
loop_
_atom_type.symbol 
C 
H 
N 
O 
# 
loop_
_atom_site.group_PDB 
_atom_site.id 
_atom_site.type_symbol 
_atom_site.label_atom_id 
_atom_site.label_alt_id 
_atom_site.label_comp_id 
_atom_site.label_asym_id 
_atom_site.label_entity_id 
_atom_site.label_seq_id 
_atom_site.pdbx_PDB_ins_code 
_atom_site.Cartn_x 
_atom_site.Cartn_y 
_atom_site.Cartn_z 
_atom_site.occupancy 
_atom_site.B_iso_or_equiv 
_atom_site.pdbx_formal_charge 
_atom_site.auth_seq_id 
_atom_site.auth_comp_id 
_atom_site.auth_asym_id 
_atom_site.auth_atom_id 
_atom_site.pdbx_PDB_model_num 
HETATM 1   C C    . ACE A 1 1  ? 1.192   19.229  3.547   1.00 4.46  ? 0    ACE A C    1 
HETATM 2   O O    . ACE A 1 1  ? 1.388   18.164  2.912   1.00 4.96  ? 0    ACE A O    1 
HETATM 3   C CH3  . ACE A 1 1  ? 0.503   20.413  2.865   1.00 6.06  ? 0    ACE A CH3  1 
HETATM 4   H H1   . ACE A 1 1  ? 0.435   21.144  3.484   1.00 9.09  ? 0    ACE A H1   1 
HETATM 5   H H2   . ACE A 1 1  ? -0.377  20.152  2.583   1.00 9.09  ? 0    ACE A H2   1 
HETATM 6   H H3   . ACE A 1 1  ? 1.015   20.687  2.101   1.00 9.09  ? 0    ACE A H3   1 
HETATM 7   N N    . AIB A 1 2  ? 1.596   19.382  4.804   1.00 4.47  ? 1    AIB A N    1 
HETATM 8   C CA   . AIB A 1 2  ? 2.353   18.353  5.503   1.00 4.39  ? 1    AIB A CA   1 
HETATM 9   C C    . AIB A 1 2  ? 1.557   17.052  5.489   1.00 3.57  ? 1    AIB A C    1 
HETATM 10  O O    . AIB A 1 2  ? 2.097   15.963  5.262   1.00 4.42  ? 1    AIB A O    1 
HETATM 11  C CB1  . AIB A 1 2  ? 2.495   18.796  6.966   1.00 5.74  ? 1    AIB A CB1  1 
HETATM 12  C CB2  . AIB A 1 2  ? 3.733   18.165  4.913   1.00 6.42  ? 1    AIB A CB2  1 
HETATM 13  H H    . AIB A 1 2  ? 1.404   20.111  5.217   1.00 5.36  ? 1    AIB A H    1 
HETATM 14  H HB11 . AIB A 1 2  ? 2.986   19.621  7.005   1.00 8.61  ? 1    AIB A HB11 1 
HETATM 15  H HB12 . AIB A 1 2  ? 2.965   18.120  7.461   1.00 8.61  ? 1    AIB A HB12 1 
HETATM 16  H HB13 . AIB A 1 2  ? 1.624   18.924  7.348   1.00 8.61  ? 1    AIB A HB13 1 
HETATM 17  H HB21 . AIB A 1 2  ? 3.655   17.893  3.996   1.00 9.63  ? 1    AIB A HB21 1 
HETATM 18  H HB22 . AIB A 1 2  ? 4.203   17.490  5.408   1.00 9.63  ? 1    AIB A HB22 1 
HETATM 19  H HB23 . AIB A 1 2  ? 4.217   18.993  4.960   1.00 9.63  ? 1    AIB A HB23 1 
ATOM   20  N N    . GLY A 1 3  ? 0.271   17.108  5.801   1.00 3.74  ? 2    GLY A N    1 
ATOM   21  C CA   . GLY A 1 3  ? -0.532  15.914  5.919   1.00 3.54  ? 2    GLY A CA   1 
ATOM   22  C C    . GLY A 1 3  ? -0.783  15.258  4.563   1.00 3.25  ? 2    GLY A C    1 
ATOM   23  O O    . GLY A 1 3  ? -0.733  14.014  4.460   1.00 3.60  ? 2    GLY A O    1 
ATOM   24  H H    . GLY A 1 3  ? -0.095  17.875  5.938   1.00 4.49  ? 2    GLY A H    1 
ATOM   25  H HA2  . GLY A 1 3  ? -0.081  15.282  6.500   1.00 4.24  ? 2    GLY A HA2  1 
ATOM   26  H HA3  . GLY A 1 3  ? -1.383  16.140  6.326   1.00 4.24  ? 2    GLY A HA3  1 
HETATM 27  N N    . AIB A 1 4  ? -1.031  16.046  3.538   1.00 3.38  ? 3    AIB A N    1 
HETATM 28  C CA   . AIB A 1 4  ? -1.191  15.539  2.161   1.00 3.54  ? 3    AIB A CA   1 
HETATM 29  C C    . AIB A 1 4  ? 0.022   14.715  1.806   1.00 3.18  ? 3    AIB A C    1 
HETATM 30  O O    . AIB A 1 4  ? -0.057  13.606  1.250   1.00 3.74  ? 3    AIB A O    1 
HETATM 31  C CB1  . AIB A 1 4  ? -1.280  16.725  1.214   1.00 4.18  ? 3    AIB A CB1  1 
HETATM 32  C CB2  . AIB A 1 4  ? -2.479  14.715  2.062   1.00 4.10  ? 3    AIB A CB2  1 
HETATM 33  H H    . AIB A 1 4  ? -1.101  16.891  3.677   1.00 4.05  ? 3    AIB A H    1 
HETATM 34  H HB11 . AIB A 1 4  ? -2.051  17.253  1.434   1.00 6.27  ? 3    AIB A HB11 1 
HETATM 35  H HB12 . AIB A 1 4  ? -1.356  16.408  0.312   1.00 6.27  ? 3    AIB A HB12 1 
HETATM 36  H HB13 . AIB A 1 4  ? -0.489  17.262  1.299   1.00 6.27  ? 3    AIB A HB13 1 
HETATM 37  H HB21 . AIB A 1 4  ? -3.230  15.267  2.290   1.00 6.15  ? 3    AIB A HB21 1 
HETATM 38  H HB22 . AIB A 1 4  ? -2.431  13.972  2.668   1.00 6.15  ? 3    AIB A HB22 1 
HETATM 39  H HB23 . AIB A 1 4  ? -2.581  14.388  1.164   1.00 6.15  ? 3    AIB A HB23 1 
ATOM   40  N N    . LEU A 1 5  ? 1.226   15.264  2.092   1.00 3.24  ? 4    LEU A N    1 
ATOM   41  C CA   . LEU A 1 5  ? 2.470   14.585  1.747   1.00 3.51  ? 4    LEU A CA   1 
ATOM   42  C C    . LEU A 1 5  ? 2.625   13.319  2.563   1.00 2.96  ? 4    LEU A C    1 
ATOM   43  O O    . LEU A 1 5  ? 2.973   12.250  2.019   1.00 3.51  ? 4    LEU A O    1 
ATOM   44  C CB   . LEU A 1 5  ? 3.622   15.563  1.921   1.00 3.82  ? 4    LEU A CB   1 
ATOM   45  C CG   . LEU A 1 5  ? 4.902   15.199  1.164   1.00 4.76  ? 4    LEU A CG   1 
ATOM   46  C CD1  . LEU A 1 5  ? 5.815   16.422  1.091   1.00 6.10  ? 4    LEU A CD1  1 
ATOM   47  C CD2  . LEU A 1 5  ? 5.669   14.043  1.759   1.00 6.25  ? 4    LEU A CD2  1 
ATOM   48  H H    . LEU A 1 5  ? 1.258   16.028  2.484   1.00 3.89  ? 4    LEU A H    1 
ATOM   49  H HA   . LEU A 1 5  ? 2.426   14.334  0.801   1.00 4.21  ? 4    LEU A HA   1 
ATOM   50  H HB2  . LEU A 1 5  ? 3.329   16.439  1.628   1.00 4.58  ? 4    LEU A HB2  1 
ATOM   51  H HB3  . LEU A 1 5  ? 3.830   15.626  2.867   1.00 4.58  ? 4    LEU A HB3  1 
ATOM   52  H HG   . LEU A 1 5  ? 4.652   14.954  0.250   1.00 5.71  ? 4    LEU A HG   1 
ATOM   53  H HD11 . LEU A 1 5  ? 5.331   17.160  0.711   1.00 9.15  ? 4    LEU A HD11 1 
ATOM   54  H HD12 . LEU A 1 5  ? 6.110   16.654  1.975   1.00 9.15  ? 4    LEU A HD12 1 
ATOM   55  H HD13 . LEU A 1 5  ? 6.576   16.221  0.542   1.00 9.15  ? 4    LEU A HD13 1 
ATOM   56  H HD21 . LEU A 1 5  ? 5.102   13.270  1.800   1.00 9.38  ? 4    LEU A HD21 1 
ATOM   57  H HD22 . LEU A 1 5  ? 6.434   13.850  1.211   1.00 9.38  ? 4    LEU A HD22 1 
ATOM   58  H HD23 . LEU A 1 5  ? 5.960   14.274  2.644   1.00 9.38  ? 4    LEU A HD23 1 
HETATM 59  N N    . AIB A 1 6  ? 2.370   13.394  3.876   1.00 3.06  ? 5    AIB A N    1 
HETATM 60  C CA   . AIB A 1 6  ? 2.438   12.223  4.757   1.00 3.45  ? 5    AIB A CA   1 
HETATM 61  C C    . AIB A 1 6  ? 1.637   11.083  4.115   1.00 3.14  ? 5    AIB A C    1 
HETATM 62  O O    . AIB A 1 6  ? 2.051   9.915   4.110   1.00 3.81  ? 5    AIB A O    1 
HETATM 63  C CB1  . AIB A 1 6  ? 1.756   12.584  6.080   1.00 3.93  ? 5    AIB A CB1  1 
HETATM 64  C CB2  . AIB A 1 6  ? 3.893   11.824  4.986   1.00 4.83  ? 5    AIB A CB2  1 
HETATM 65  H H    . AIB A 1 6  ? 2.158   14.156  4.213   1.00 3.67  ? 5    AIB A H    1 
HETATM 66  H HB11 . AIB A 1 6  ? 2.237   13.298  6.504   1.00 5.90  ? 5    AIB A HB11 1 
HETATM 67  H HB12 . AIB A 1 6  ? 1.750   11.816  6.657   1.00 5.90  ? 5    AIB A HB12 1 
HETATM 68  H HB13 . AIB A 1 6  ? 0.853   12.862  5.910   1.00 5.90  ? 5    AIB A HB13 1 
HETATM 69  H HB21 . AIB A 1 6  ? 4.366   12.557  5.387   1.00 7.25  ? 5    AIB A HB21 1 
HETATM 70  H HB22 . AIB A 1 6  ? 4.300   11.601  4.146   1.00 7.25  ? 5    AIB A HB22 1 
HETATM 71  H HB23 . AIB A 1 6  ? 3.927   11.063  5.571   1.00 7.25  ? 5    AIB A HB23 1 
ATOM   72  N N    . GLN A 1 7  ? 0.438   11.404  3.656   1.00 2.97  ? 6    GLN A N    1 
ATOM   73  C CA   . GLN A 1 7  ? -0.501  10.399  3.141   1.00 3.11  ? 6    GLN A CA   1 
ATOM   74  C C    . GLN A 1 7  ? -0.059  9.830   1.800   1.00 2.69  ? 6    GLN A C    1 
ATOM   75  O O    . GLN A 1 7  ? -0.171  8.614   1.590   1.00 2.79  ? 6    GLN A O    1 
ATOM   76  C CB   . GLN A 1 7  ? -1.876  10.988  3.107   1.00 3.88  ? 6    GLN A CB   1 
ATOM   77  C CG   . GLN A 1 7  ? -2.937  9.943   2.781   1.00 5.41  ? 6    GLN A CG   1 
ATOM   78  C CD   . GLN A 1 7  ? -4.315  10.367  3.197   1.00 6.93  ? 6    GLN A CD   1 
ATOM   79  O OE1  . GLN A 1 7  ? -4.573  10.905  4.251   1.00 8.65  ? 6    GLN A OE1  1 
ATOM   80  N NE2  . GLN A 1 7  ? -5.251  9.998   2.348   1.00 19.71 ? 6    GLN A NE2  1 
ATOM   81  H H    . GLN A 1 7  ? 0.201   12.230  3.659   1.00 3.56  ? 6    GLN A H    1 
ATOM   82  H HA   . GLN A 1 7  ? -0.517  9.658   3.782   1.00 3.73  ? 6    GLN A HA   1 
ATOM   83  H HB2  . GLN A 1 7  ? -2.074  11.385  3.970   1.00 4.66  ? 6    GLN A HB2  1 
ATOM   84  H HB3  . GLN A 1 7  ? -1.905  11.692  2.440   1.00 4.66  ? 6    GLN A HB3  1 
ATOM   85  H HG2  . GLN A 1 7  ? -2.932  9.774   1.826   1.00 6.49  ? 6    GLN A HG2  1 
ATOM   86  H HG3  . GLN A 1 7  ? -2.711  9.113   3.230   1.00 6.49  ? 6    GLN A HG3  1 
ATOM   87  H HE21 . GLN A 1 7  ? -5.034  9.618   1.607   1.00 23.65 ? 6    GLN A HE21 1 
ATOM   88  H HE22 . GLN A 1 7  ? -6.079  10.137  2.533   1.00 23.65 ? 6    GLN A HE22 1 
HETATM 89  N N    . AIB A 1 8  ? 0.395   10.697  0.897   1.00 2.80  ? 7    AIB A N    1 
HETATM 90  C CA   . AIB A 1 8  ? 0.915   10.254  -0.414  1.00 3.06  ? 7    AIB A CA   1 
HETATM 91  C C    . AIB A 1 8  ? 2.019   9.209   -0.160  1.00 2.93  ? 7    AIB A C    1 
HETATM 92  O O    . AIB A 1 8  ? 2.023   8.130   -0.748  1.00 3.53  ? 7    AIB A O    1 
HETATM 93  C CB1  . AIB A 1 8  ? 1.533   11.488  -1.099  1.00 4.38  ? 7    AIB A CB1  1 
HETATM 94  C CB2  . AIB A 1 8  ? -0.199  9.679   -1.263  1.00 3.85  ? 7    AIB A CB2  1 
HETATM 95  H H    . AIB A 1 8  ? 0.385   11.537  1.080   1.00 3.35  ? 7    AIB A H    1 
HETATM 96  H HB11 . AIB A 1 8  ? 2.244   11.832  -0.555  1.00 6.57  ? 7    AIB A HB11 1 
HETATM 97  H HB12 . AIB A 1 8  ? 0.859   12.163  -1.210  1.00 6.57  ? 7    AIB A HB12 1 
HETATM 98  H HB13 . AIB A 1 8  ? 1.879   11.236  -1.958  1.00 6.57  ? 7    AIB A HB13 1 
HETATM 99  H HB21 . AIB A 1 8  ? -0.870  10.352  -1.407  1.00 5.78  ? 7    AIB A HB21 1 
HETATM 100 H HB22 . AIB A 1 8  ? -0.591  8.928   -0.810  1.00 5.78  ? 7    AIB A HB22 1 
HETATM 101 H HB23 . AIB A 1 8  ? 0.155   9.395   -2.108  1.00 5.78  ? 7    AIB A HB23 1 
HETATM 102 N N    . AIB A 1 9  ? 2.988   9.569   0.687   1.00 3.00  ? 8    AIB A N    1 
HETATM 103 C CA   . AIB A 1 9  ? 4.124   8.683   1.018   1.00 3.19  ? 8    AIB A CA   1 
HETATM 104 C C    . AIB A 1 9  ? 3.564   7.363   1.578   1.00 2.64  ? 8    AIB A C    1 
HETATM 105 O O    . AIB A 1 9  ? 3.980   6.271   1.198   1.00 3.17  ? 8    AIB A O    1 
HETATM 106 C CB1  . AIB A 1 9  ? 4.934   9.361   2.121   1.00 4.47  ? 8    AIB A CB1  1 
HETATM 107 C CB2  . AIB A 1 9  ? 4.995   8.412   -0.195  1.00 4.67  ? 8    AIB A CB2  1 
HETATM 108 H H    . AIB A 1 9  ? 2.950   10.346  1.053   1.00 3.60  ? 8    AIB A H    1 
HETATM 109 H HB11 . AIB A 1 9  ? 5.291   10.190  1.793   1.00 6.71  ? 8    AIB A HB11 1 
HETATM 110 H HB12 . AIB A 1 9  ? 5.655   8.786   2.389   1.00 6.71  ? 8    AIB A HB12 1 
HETATM 111 H HB13 . AIB A 1 9  ? 4.367   9.534   2.876   1.00 6.71  ? 8    AIB A HB13 1 
HETATM 112 H HB21 . AIB A 1 9  ? 5.332   9.243   -0.539  1.00 7.00  ? 8    AIB A HB21 1 
HETATM 113 H HB22 . AIB A 1 9  ? 4.474   7.973   -0.871  1.00 7.00  ? 8    AIB A HB22 1 
HETATM 114 H HB23 . AIB A 1 9  ? 5.731   7.849   0.058   1.00 7.00  ? 8    AIB A HB23 1 
HETATM 115 N N    . AIB A 1 10 ? 2.653   7.474   2.540   1.00 2.59  ? 9    AIB A N    1 
HETATM 116 C CA   . AIB A 1 10 ? 2.110   6.312   3.236   1.00 2.61  ? 9    AIB A CA   1 
HETATM 117 C C    . AIB A 1 10 ? 1.597   5.303   2.198   1.00 2.31  ? 9    AIB A C    1 
HETATM 118 O O    . AIB A 1 10 ? 1.822   4.086   2.307   1.00 2.62  ? 9    AIB A O    1 
HETATM 119 C CB1  . AIB A 1 10 ? 0.929   6.739   4.075   1.00 3.26  ? 9    AIB A CB1  1 
HETATM 120 C CB2  . AIB A 1 10 ? 3.181   5.695   4.140   1.00 3.67  ? 9    AIB A CB2  1 
HETATM 121 H H    . AIB A 1 10 ? 2.374   8.257   2.760   1.00 3.10  ? 9    AIB A H    1 
HETATM 122 H HB11 . AIB A 1 10 ? 1.218   7.371   4.738   1.00 4.89  ? 9    AIB A HB11 1 
HETATM 123 H HB12 . AIB A 1 10 ? 0.548   5.971   4.507   1.00 4.89  ? 9    AIB A HB12 1 
HETATM 124 H HB13 . AIB A 1 10 ? 0.267   7.148   3.511   1.00 4.89  ? 9    AIB A HB13 1 
HETATM 125 H HB21 . AIB A 1 10 ? 3.930   5.419   3.606   1.00 5.50  ? 9    AIB A HB21 1 
HETATM 126 H HB22 . AIB A 1 10 ? 2.815   4.932   4.595   1.00 5.50  ? 9    AIB A HB22 1 
HETATM 127 H HB23 . AIB A 1 10 ? 3.468   6.344   4.785   1.00 5.50  ? 9    AIB A HB23 1 
ATOM   128 N N    . ALA A 1 11 ? 0.873   5.809   1.204   1.00 2.25  ? 10   ALA A N    1 
ATOM   129 C CA   . ALA A 1 11 ? 0.200   4.959   0.243   1.00 2.40  ? 10   ALA A CA   1 
ATOM   130 C C    . ALA A 1 11 ? 1.144   4.049   -0.531  1.00 2.26  ? 10   ALA A C    1 
ATOM   131 O O    . ALA A 1 11 ? 0.714   2.988   -0.997  1.00 3.35  ? 10   ALA A O    1 
ATOM   132 C CB   . ALA A 1 11 ? -0.589  5.809   -0.729  1.00 2.59  ? 10   ALA A CB   1 
ATOM   133 H H    . ALA A 1 11 ? 0.802   6.663   1.131   1.00 2.70  ? 10   ALA A H    1 
ATOM   134 H HA   . ALA A 1 11 ? -0.432  4.393   0.731   1.00 2.88  ? 10   ALA A HA   1 
ATOM   135 H HB1  . ALA A 1 11 ? -1.186  6.382   -0.241  1.00 3.89  ? 10   ALA A HB1  1 
ATOM   136 H HB2  . ALA A 1 11 ? 0.014   6.344   -1.250  1.00 3.89  ? 10   ALA A HB2  1 
ATOM   137 H HB3  . ALA A 1 11 ? -1.097  5.241   -1.313  1.00 3.89  ? 10   ALA A HB3  1 
ATOM   138 N N    . ALA A 1 12 ? 2.385   4.493   -0.721  1.00 2.35  ? 11   ALA A N    1 
ATOM   139 C CA   . ALA A 1 12 ? 3.384   3.737   -1.444  1.00 2.76  ? 11   ALA A CA   1 
ATOM   140 C C    . ALA A 1 12 ? 4.156   2.746   -0.583  1.00 2.40  ? 11   ALA A C    1 
ATOM   141 O O    . ALA A 1 12 ? 4.759   1.809   -1.120  1.00 2.65  ? 11   ALA A O    1 
ATOM   142 C CB   . ALA A 1 12 ? 4.369   4.705   -2.108  1.00 4.43  ? 11   ALA A CB   1 
ATOM   143 H H    . ALA A 1 12 ? 2.601   5.260   -0.401  1.00 2.82  ? 11   ALA A H    1 
ATOM   144 H HA   . ALA A 1 12 ? 2.930   3.235   -2.152  1.00 3.31  ? 11   ALA A HA   1 
ATOM   145 H HB1  . ALA A 1 12 ? 4.849   5.187   -1.430  1.00 6.65  ? 11   ALA A HB1  1 
ATOM   146 H HB2  . ALA A 1 12 ? 4.989   4.210   -2.649  1.00 6.65  ? 11   ALA A HB2  1 
ATOM   147 H HB3  . ALA A 1 12 ? 3.886   5.325   -2.660  1.00 6.65  ? 11   ALA A HB3  1 
HETATM 148 N N    . AIB A 1 13 ? 4.197   2.970   0.724   1.00 2.46  ? 12   AIB A N    1 
HETATM 149 C CA   . AIB A 1 13 ? 5.013   2.154   1.627   1.00 2.65  ? 12   AIB A CA   1 
HETATM 150 C C    . AIB A 1 13 ? 4.787   0.648   1.425   1.00 2.13  ? 12   AIB A C    1 
HETATM 151 O O    . AIB A 1 13 ? 5.743   -0.114  1.583   1.00 2.72  ? 12   AIB A O    1 
HETATM 152 C CB1  . AIB A 1 13 ? 4.644   2.491   3.079   1.00 3.56  ? 12   AIB A CB1  1 
HETATM 153 C CB2  . AIB A 1 13 ? 6.500   2.498   1.427   1.00 3.54  ? 12   AIB A CB2  1 
HETATM 154 H H    . AIB A 1 13 ? 3.731   3.614   1.053   1.00 2.95  ? 12   AIB A H    1 
HETATM 155 H HB11 . AIB A 1 13 ? 4.780   3.429   3.234   1.00 5.33  ? 12   AIB A HB11 1 
HETATM 156 H HB12 . AIB A 1 13 ? 5.200   1.986   3.676   1.00 5.33  ? 12   AIB A HB12 1 
HETATM 157 H HB13 . AIB A 1 13 ? 3.724   2.272   3.234   1.00 5.33  ? 12   AIB A HB13 1 
HETATM 158 H HB21 . AIB A 1 13 ? 6.631   3.441   1.556   1.00 5.31  ? 12   AIB A HB21 1 
HETATM 159 H HB22 . AIB A 1 13 ? 6.768   2.256   0.538   1.00 5.31  ? 12   AIB A HB22 1 
HETATM 160 H HB23 . AIB A 1 13 ? 7.029   2.012   2.064   1.00 5.31  ? 12   AIB A HB23 1 
ATOM   161 N N    . PRO A 1 14 ? 3.558   0.176   1.138   1.00 2.16  ? 13   PRO A N    1 
ATOM   162 C CA   . PRO A 1 14 ? 3.403   -1.265  0.966   1.00 2.29  ? 13   PRO A CA   1 
ATOM   163 C C    . PRO A 1 14 ? 4.257   -1.903  -0.114  1.00 1.95  ? 13   PRO A C    1 
ATOM   164 O O    . PRO A 1 14 ? 4.465   -3.108  -0.061  1.00 2.66  ? 13   PRO A O    1 
ATOM   165 C CB   . PRO A 1 14 ? 1.925   -1.444  0.677   1.00 3.13  ? 13   PRO A CB   1 
ATOM   166 C CG   . PRO A 1 14 ? 1.275   -0.260  1.366   1.00 3.36  ? 13   PRO A CG   1 
ATOM   167 C CD   . PRO A 1 14 ? 2.256   0.871   1.075   1.00 2.88  ? 13   PRO A CD   1 
ATOM   168 H HA   . PRO A 1 14 ? 3.606   -1.702  1.819   1.00 2.75  ? 13   PRO A HA   1 
ATOM   169 H HB2  . PRO A 1 14 ? 1.753   -1.428  -0.278  1.00 3.75  ? 13   PRO A HB2  1 
ATOM   170 H HB3  . PRO A 1 14 ? 1.598   -2.282  1.042   1.00 3.75  ? 13   PRO A HB3  1 
ATOM   171 H HG2  . PRO A 1 14 ? 0.400   -0.072  0.991   1.00 4.03  ? 13   PRO A HG2  1 
ATOM   172 H HG3  . PRO A 1 14 ? 1.187   -0.412  2.320   1.00 4.03  ? 13   PRO A HG3  1 
ATOM   173 H HD2  . PRO A 1 14 ? 2.102   1.255   0.198   1.00 3.46  ? 13   PRO A HD2  1 
ATOM   174 H HD3  . PRO A 1 14 ? 2.197   1.571   1.745   1.00 3.46  ? 13   PRO A HD3  1 
ATOM   175 N N    . LEU A 1 15 ? 4.707   -1.127  -1.108  1.00 2.15  ? 14   LEU A N    1 
ATOM   176 C CA   . LEU A 1 15 ? 5.617   -1.723  -2.096  1.00 2.06  ? 14   LEU A CA   1 
ATOM   177 C C    . LEU A 1 15 ? 6.926   -2.131  -1.426  1.00 2.15  ? 14   LEU A C    1 
ATOM   178 O O    . LEU A 1 15 ? 7.383   -3.269  -1.544  1.00 2.82  ? 14   LEU A O    1 
ATOM   179 C CB   . LEU A 1 15 ? 5.847   -0.762  -3.249  1.00 2.47  ? 14   LEU A CB   1 
ATOM   180 C CG   . LEU A 1 15 ? 6.937   -1.195  -4.213  1.00 2.69  ? 14   LEU A CG   1 
ATOM   181 C CD1  . LEU A 1 15 ? 6.685   -2.565  -4.789  1.00 3.46  ? 14   LEU A CD1  1 
ATOM   182 C CD2  . LEU A 1 15 ? 7.065   -0.155  -5.319  1.00 4.01  ? 14   LEU A CD2  1 
ATOM   183 H H    . LEU A 1 15 ? 4.470   -0.302  -1.166  1.00 2.58  ? 14   LEU A H    1 
ATOM   184 H HA   . LEU A 1 15 ? 5.193   -2.532  -2.452  1.00 2.48  ? 14   LEU A HA   1 
ATOM   185 H HB2  . LEU A 1 15 ? 5.017   -0.664  -3.742  1.00 2.97  ? 14   LEU A HB2  1 
ATOM   186 H HB3  . LEU A 1 15 ? 6.078   0.107   -2.888  1.00 2.97  ? 14   LEU A HB3  1 
ATOM   187 H HG   . LEU A 1 15 ? 7.785   -1.223  -3.723  1.00 3.23  ? 14   LEU A HG   1 
ATOM   188 H HD11 . LEU A 1 15 ? 5.852   -2.563  -5.267  1.00 5.19  ? 14   LEU A HD11 1 
ATOM   189 H HD12 . LEU A 1 15 ? 7.398   -2.796  -5.390  1.00 5.19  ? 14   LEU A HD12 1 
ATOM   190 H HD13 . LEU A 1 15 ? 6.645   -3.208  -4.079  1.00 5.19  ? 14   LEU A HD13 1 
ATOM   191 H HD21 . LEU A 1 15 ? 7.292   0.694   -4.936  1.00 6.01  ? 14   LEU A HD21 1 
ATOM   192 H HD22 . LEU A 1 15 ? 7.753   -0.424  -5.933  1.00 6.01  ? 14   LEU A HD22 1 
ATOM   193 H HD23 . LEU A 1 15 ? 6.230   -0.082  -5.788  1.00 6.01  ? 14   LEU A HD23 1 
HETATM 194 N N    . AIB A 1 16 ? 7.560   -1.168  -0.741  1.00 2.41  ? 15   AIB A N    1 
HETATM 195 C CA   . AIB A 1 16 ? 8.839   -1.434  -0.061  1.00 2.50  ? 15   AIB A CA   1 
HETATM 196 C C    . AIB A 1 16 ? 8.678   -2.614  0.881   1.00 2.21  ? 15   AIB A C    1 
HETATM 197 O O    . AIB A 1 16 ? 9.559   -3.475  1.011   1.00 2.97  ? 15   AIB A O    1 
HETATM 198 C CB1  . AIB A 1 16 ? 9.162   -0.183  0.798   1.00 3.61  ? 15   AIB A CB1  1 
HETATM 199 C CB2  . AIB A 1 16 ? 9.946   -1.670  -1.084  1.00 3.74  ? 15   AIB A CB2  1 
HETATM 200 H H    . AIB A 1 16 ? 7.215   -0.382  -0.698  1.00 2.89  ? 15   AIB A H    1 
HETATM 201 H HB11 . AIB A 1 16 ? 9.259   0.582   0.224   1.00 5.41  ? 15   AIB A HB11 1 
HETATM 202 H HB12 . AIB A 1 16 ? 9.978   -0.328  1.280   1.00 5.41  ? 15   AIB A HB12 1 
HETATM 203 H HB13 . AIB A 1 16 ? 8.446   -0.027  1.418   1.00 5.41  ? 15   AIB A HB13 1 
HETATM 204 H HB21 . AIB A 1 16 ? 10.019  -0.904  -1.658  1.00 5.61  ? 15   AIB A HB21 1 
HETATM 205 H HB22 . AIB A 1 16 ? 9.736   -2.446  -1.610  1.00 5.61  ? 15   AIB A HB22 1 
HETATM 206 H HB23 . AIB A 1 16 ? 10.779  -1.809  -0.628  1.00 5.61  ? 15   AIB A HB23 1 
HETATM 207 N N    . AIB A 1 17 ? 7.547   -2.654  1.587   1.00 1.94  ? 16   AIB A N    1 
HETATM 208 C CA   . AIB A 1 17 ? 7.264   -3.644  2.638   1.00 2.35  ? 16   AIB A CA   1 
HETATM 209 C C    . AIB A 1 17 ? 7.369   -5.070  2.077   1.00 2.33  ? 16   AIB A C    1 
HETATM 210 O O    . AIB A 1 17 ? 7.712   -6.000  2.783   1.00 3.18  ? 16   AIB A O    1 
HETATM 211 C CB1  . AIB A 1 17 ? 5.824   -3.459  3.085   1.00 2.87  ? 16   AIB A CB1  1 
HETATM 212 C CB2  . AIB A 1 17 ? 8.226   -3.459  3.806   1.00 3.11  ? 16   AIB A CB2  1 
HETATM 213 H H    . AIB A 1 17 ? 6.944   -2.064  1.415   1.00 2.33  ? 16   AIB A H    1 
HETATM 214 H HB11 . AIB A 1 17 ? 5.238   -3.573  2.334   1.00 4.31  ? 16   AIB A HB11 1 
HETATM 215 H HB12 . AIB A 1 17 ? 5.712   -2.576  3.446   1.00 4.31  ? 16   AIB A HB12 1 
HETATM 216 H HB13 . AIB A 1 17 ? 5.612   -4.109  3.758   1.00 4.31  ? 16   AIB A HB13 1 
HETATM 217 H HB21 . AIB A 1 17 ? 9.129   -3.579  3.501   1.00 4.67  ? 16   AIB A HB21 1 
HETATM 218 H HB22 . AIB A 1 17 ? 8.030   -4.105  4.488   1.00 4.67  ? 16   AIB A HB22 1 
HETATM 219 H HB23 . AIB A 1 17 ? 8.127   -2.574  4.167   1.00 4.67  ? 16   AIB A HB23 1 
ATOM   220 N N    . GLN A 1 18 ? 7.023   -5.242  0.801   1.00 2.58  ? 17   GLN A N    1 
ATOM   221 C CA   . GLN A 1 18 ? 6.960   -6.555  0.172   1.00 3.03  ? 17   GLN A CA   1 
ATOM   222 C C    . GLN A 1 18 ? 8.325   -7.088  -0.251  1.00 3.73  ? 17   GLN A C    1 
ATOM   223 O O    . GLN A 1 18 ? 8.363   -8.212  -0.788  1.00 5.50  ? 17   GLN A O    1 
ATOM   224 C CB   . GLN A 1 18 ? 5.968   -6.509  -0.993  1.00 3.15  ? 17   GLN A CB   1 
ATOM   225 C CG   . GLN A 1 18 ? 4.542   -6.405  -0.503  1.00 3.23  ? 17   GLN A CG   1 
ATOM   226 C CD   . GLN A 1 18 ? 3.609   -6.239  -1.653  1.00 3.97  ? 17   GLN A CD   1 
ATOM   227 O OE1  . GLN A 1 18 ? 3.173   -5.036  -1.954  1.00 5.41  ? 17   GLN A OE1  1 
ATOM   228 N NE2  . GLN A 1 18 ? 3.276   -7.242  -2.348  1.00 5.05  ? 17   GLN A NE2  1 
ATOM   229 H H    . GLN A 1 18 ? 6.828   -4.550  0.330   1.00 3.10  ? 17   GLN A H    1 
ATOM   230 H HA   . GLN A 1 18 ? 6.598   -7.178  0.836   1.00 3.64  ? 17   GLN A HA   1 
ATOM   231 H HB2  . GLN A 1 18 ? 6.169   -5.746  -1.557  1.00 3.78  ? 17   GLN A HB2  1 
ATOM   232 H HB3  . GLN A 1 18 ? 6.065   -7.312  -1.530  1.00 3.78  ? 17   GLN A HB3  1 
ATOM   233 H HG2  . GLN A 1 18 ? 4.310   -7.207  -0.008  1.00 3.87  ? 17   GLN A HG2  1 
ATOM   234 H HG3  . GLN A 1 18 ? 4.459   -5.648  0.096   1.00 3.87  ? 17   GLN A HG3  1 
ATOM   235 H HE21 . GLN A 1 18 ? 3.568   -8.025  -2.141  1.00 6.06  ? 17   GLN A HE21 1 
ATOM   236 H HE22 . GLN A 1 18 ? 2.757   -7.142  -3.027  1.00 6.06  ? 17   GLN A HE22 1 
HETATM 237 N N    . VOL A 1 19 ? 9.402   -6.384  -0.019  1.00 4.24  ? 18   VOL A N    1 
HETATM 238 C CA   . VOL A 1 19 ? 10.776  -6.762  -0.071  1.00 5.22  ? 18   VOL A CA   1 
HETATM 239 C CB   . VOL A 1 19 ? 11.574  -5.897  -0.921  1.00 7.10  ? 18   VOL A CB   1 
HETATM 240 C CG1  . VOL A 1 19 ? 13.015  -6.326  -1.153  1.00 13.45 ? 18   VOL A CG1  1 
HETATM 241 C CG2  . VOL A 1 19 ? 10.937  -5.526  -2.250  1.00 9.44  ? 18   VOL A CG2  1 
HETATM 242 C C    . VOL A 1 19 ? 11.308  -7.322  1.180   1.00 7.68  ? 18   VOL A C    1 
HETATM 243 O O    . VOL A 1 19 ? 10.594  -8.252  1.864   1.00 11.35 ? 18   VOL A O    1 
HETATM 244 H H    . VOL A 1 19 ? 9.259   -5.565  0.197   1.00 5.09  ? 18   VOL A H    1 
HETATM 245 H HA   . VOL A 1 19 ? 10.725  -7.568  -0.625  1.00 6.27  ? 18   VOL A HA   1 
HETATM 246 H HB   . VOL A 1 19 ? 11.638  -5.051  -0.428  1.00 8.51  ? 18   VOL A HB   1 
HETATM 247 H HG1  . VOL A 1 19 ? 13.478  -5.640  -1.639  1.00 20.18 ? 18   VOL A HG1  1 
HETATM 248 H HG2  . VOL A 1 19 ? 13.028  -7.141  -1.659  1.00 20.18 ? 18   VOL A HG2  1 
HETATM 249 H HG3  . VOL A 1 19 ? 13.447  -6.466  -0.308  1.00 20.18 ? 18   VOL A HG3  1 
HETATM 250 H H21  . VOL A 1 19 ? 11.492  -4.885  -2.702  1.00 14.16 ? 18   VOL A H21  1 
HETATM 251 H H22  . VOL A 1 19 ? 10.070  -5.146  -2.096  1.00 14.16 ? 18   VOL A H22  1 
HETATM 252 H H23  . VOL A 1 19 ? 10.849  -6.313  -2.794  1.00 14.16 ? 18   VOL A H23  1 
HETATM 253 H HH1  . VOL A 1 19 ? 12.173  -7.713  0.978   1.00 9.22  ? 18   VOL A HH1  1 
HETATM 254 H HH2  . VOL A 1 19 ? 11.470  -6.580  1.784   1.00 9.22  ? 18   VOL A HH2  1 
HETATM 255 H HH   . VOL A 1 19 ? 9.827   -7.981  1.971   1.00 17.02 ? 18   VOL A HH   1 
HETATM 256 C C    . ACE B 1 1  ? -3.966  -18.400 -7.073  1.00 6.88  ? 0    ACE B C    1 
HETATM 257 O O    . ACE B 1 1  ? -4.332  -17.266 -6.695  1.00 7.69  ? 0    ACE B O    1 
HETATM 258 C CH3  . ACE B 1 1  ? -4.722  -19.079 -8.233  1.00 8.81  ? 0    ACE B CH3  1 
HETATM 259 H H1   . ACE B 1 1  ? -4.325  -19.934 -8.416  1.00 13.22 ? 0    ACE B H1   1 
HETATM 260 H H2   . ACE B 1 1  ? -4.667  -18.528 -9.017  1.00 13.22 ? 0    ACE B H2   1 
HETATM 261 H H3   . ACE B 1 1  ? -5.642  -19.200 -7.990  1.00 13.22 ? 0    ACE B H3   1 
HETATM 262 N N    . AIB B 1 2  ? -3.002  -19.037 -6.549  1.00 6.40  ? 1    AIB B N    1 
HETATM 263 C CA   . AIB B 1 2  ? -2.260  -18.534 -5.410  1.00 5.87  ? 1    AIB B CA   1 
HETATM 264 C C    . AIB B 1 2  ? -1.752  -17.121 -5.759  1.00 4.95  ? 1    AIB B C    1 
HETATM 265 O O    . AIB B 1 2  ? -1.940  -16.166 -4.984  1.00 6.60  ? 1    AIB B O    1 
HETATM 266 C CB1  . AIB B 1 2  ? -1.046  -19.466 -5.199  1.00 9.17  ? 1    AIB B CB1  1 
HETATM 267 C CB2  . AIB B 1 2  ? -3.106  -18.523 -4.148  1.00 7.52  ? 1    AIB B CB2  1 
HETATM 268 H H    . AIB B 1 2  ? -2.780  -19.797 -6.883  1.00 7.68  ? 1    AIB B H    1 
HETATM 269 H HB11 . AIB B 1 2  ? -1.354  -20.353 -4.998  1.00 13.75 ? 1    AIB B HB11 1 
HETATM 270 H HB12 . AIB B 1 2  ? -0.514  -19.140 -4.470  1.00 13.75 ? 1    AIB B HB12 1 
HETATM 271 H HB13 . AIB B 1 2  ? -0.514  -19.486 -5.999  1.00 13.75 ? 1    AIB B HB13 1 
HETATM 272 H HB21 . AIB B 1 2  ? -3.416  -19.412 -3.963  1.00 11.27 ? 1    AIB B HB21 1 
HETATM 273 H HB22 . AIB B 1 2  ? -3.857  -17.939 -4.271  1.00 11.27 ? 1    AIB B HB22 1 
HETATM 274 H HB23 . AIB B 1 2  ? -2.575  -18.210 -3.411  1.00 11.27 ? 1    AIB B HB23 1 
ATOM   275 N N    . GLY B 1 3  ? -1.073  -16.973 -6.884  1.00 4.39  ? 2    GLY B N    1 
ATOM   276 C CA   . GLY B 1 3  ? -0.517  -15.691 -7.263  1.00 4.35  ? 2    GLY B CA   1 
ATOM   277 C C    . GLY B 1 3  ? -1.582  -14.647 -7.602  1.00 3.76  ? 2    GLY B C    1 
ATOM   278 O O    . GLY B 1 3  ? -1.439  -13.482 -7.215  1.00 4.09  ? 2    GLY B O    1 
ATOM   279 H H    . GLY B 1 3  ? -0.959  -17.651 -7.401  1.00 5.26  ? 2    GLY B H    1 
ATOM   280 H HA2  . GLY B 1 3  ? 0.030   -15.357 -6.535  1.00 5.22  ? 2    GLY B HA2  1 
ATOM   281 H HA3  . GLY B 1 3  ? 0.061   -15.813 -8.034  1.00 5.22  ? 2    GLY B HA3  1 
HETATM 282 N N    . AIB B 1 4  ? -2.632  -15.062 -8.282  1.00 3.90  ? 3    AIB B N    1 
HETATM 283 C CA   . AIB B 1 4  ? -3.739  -14.182 -8.633  1.00 3.71  ? 3    AIB B CA   1 
HETATM 284 C C    . AIB B 1 4  ? -4.270  -13.535 -7.344  1.00 3.47  ? 3    AIB B C    1 
HETATM 285 O O    . AIB B 1 4  ? -4.533  -12.333 -7.283  1.00 3.93  ? 3    AIB B O    1 
HETATM 286 C CB1  . AIB B 1 4  ? -4.869  -15.024 -9.221  1.00 4.70  ? 3    AIB B CB1  1 
HETATM 287 C CB2  . AIB B 1 4  ? -3.289  -13.113 -9.618  1.00 4.76  ? 3    AIB B CB2  1 
HETATM 288 H H    . AIB B 1 4  ? -2.665  -15.885 -8.529  1.00 4.68  ? 3    AIB B H    1 
HETATM 289 H HB11 . AIB B 1 4  ? -5.136  -15.690 -8.585  1.00 7.05  ? 3    AIB B HB11 1 
HETATM 290 H HB12 . AIB B 1 4  ? -4.563  -15.453 -10.024 1.00 7.05  ? 3    AIB B HB12 1 
HETATM 291 H HB13 . AIB B 1 4  ? -5.616  -14.458 -9.426  1.00 7.05  ? 3    AIB B HB13 1 
HETATM 292 H HB21 . AIB B 1 4  ? -2.968  -13.531 -10.419 1.00 7.14  ? 3    AIB B HB21 1 
HETATM 293 H HB22 . AIB B 1 4  ? -2.585  -12.592 -9.224  1.00 7.14  ? 3    AIB B HB22 1 
HETATM 294 H HB23 . AIB B 1 4  ? -4.030  -12.540 -9.829  1.00 7.14  ? 3    AIB B HB23 1 
ATOM   295 N N    . LEU B 1 5  ? -4.496  -14.361 -6.316  1.00 3.50  ? 4    LEU B N    1 
ATOM   296 C CA   . LEU B 1 5  ? -5.069  -13.868 -5.059  1.00 3.67  ? 4    LEU B CA   1 
ATOM   297 C C    . LEU B 1 5  ? -4.053  -13.009 -4.307  1.00 3.59  ? 4    LEU B C    1 
ATOM   298 O O    . LEU B 1 5  ? -4.456  -11.978 -3.723  1.00 4.31  ? 4    LEU B O    1 
ATOM   299 C CB   . LEU B 1 5  ? -5.553  -15.016 -4.202  1.00 3.98  ? 4    LEU B CB   1 
ATOM   300 C CG   . LEU B 1 5  ? -6.868  -15.603 -4.668  1.00 4.37  ? 4    LEU B CG   1 
ATOM   301 C CD1  . LEU B 1 5  ? -7.118  -16.957 -3.961  1.00 7.48  ? 4    LEU B CD1  1 
ATOM   302 C CD2  . LEU B 1 5  ? -8.040  -14.701 -4.399  1.00 6.31  ? 4    LEU B CD2  1 
ATOM   303 H H    . LEU B 1 5  ? -4.303  -15.195 -6.394  1.00 4.21  ? 4    LEU B H    1 
ATOM   304 H HA   . LEU B 1 5  ? -5.840  -13.305 -5.277  1.00 4.40  ? 4    LEU B HA   1 
ATOM   305 H HB2  . LEU B 1 5  ? -4.880  -15.714 -4.202  1.00 4.78  ? 4    LEU B HB2  1 
ATOM   306 H HB3  . LEU B 1 5  ? -5.655  -14.704 -3.288  1.00 4.78  ? 4    LEU B HB3  1 
ATOM   307 H HG   . LEU B 1 5  ? -6.813  -15.762 -5.634  1.00 5.24  ? 4    LEU B HG   1 
ATOM   308 H HD11 . LEU B 1 5  ? -7.164  -16.818 -3.012  1.00 11.21 ? 4    LEU B HD11 1 
ATOM   309 H HD12 . LEU B 1 5  ? -7.946  -17.331 -4.271  1.00 11.21 ? 4    LEU B HD12 1 
ATOM   310 H HD13 . LEU B 1 5  ? -6.398  -17.560 -4.162  1.00 11.21 ? 4    LEU B HD13 1 
ATOM   311 H HD21 . LEU B 1 5  ? -7.909  -13.864 -4.851  1.00 9.47  ? 4    LEU B HD21 1 
ATOM   312 H HD22 . LEU B 1 5  ? -8.844  -15.116 -4.721  1.00 9.47  ? 4    LEU B HD22 1 
ATOM   313 H HD23 . LEU B 1 5  ? -8.115  -14.546 -3.454  1.00 9.47  ? 4    LEU B HD23 1 
HETATM 314 N N    . AIB B 1 6  ? -2.802  -13.378 -4.273  1.00 3.77  ? 5    AIB B N    1 
HETATM 315 C CA   . AIB B 1 6  ? -1.738  -12.566 -3.661  1.00 3.87  ? 5    AIB B CA   1 
HETATM 316 C C    . AIB B 1 6  ? -1.839  -11.152 -4.243  1.00 3.38  ? 5    AIB B C    1 
HETATM 317 O O    . AIB B 1 6  ? -1.749  -10.143 -3.520  1.00 4.01  ? 5    AIB B O    1 
HETATM 318 C CB1  . AIB B 1 6  ? -0.381  -13.138 -4.077  1.00 5.11  ? 5    AIB B CB1  1 
HETATM 319 C CB2  . AIB B 1 6  ? -1.865  -12.539 -2.152  1.00 5.70  ? 5    AIB B CB2  1 
HETATM 320 H H    . AIB B 1 6  ? -2.588  -14.132 -4.626  1.00 4.52  ? 5    AIB B H    1 
HETATM 321 H HB11 . AIB B 1 6  ? -0.319  -13.151 -5.035  1.00 7.66  ? 5    AIB B HB11 1 
HETATM 322 H HB12 . AIB B 1 6  ? -0.293  -14.033 -3.739  1.00 7.66  ? 5    AIB B HB12 1 
HETATM 323 H HB13 . AIB B 1 6  ? 0.321   -12.591 -3.718  1.00 7.66  ? 5    AIB B HB13 1 
HETATM 324 H HB21 . AIB B 1 6  ? -1.802  -13.434 -1.809  1.00 8.54  ? 5    AIB B HB21 1 
HETATM 325 H HB22 . AIB B 1 6  ? -2.714  -12.163 -1.909  1.00 8.54  ? 5    AIB B HB22 1 
HETATM 326 H HB23 . AIB B 1 6  ? -1.160  -12.005 -1.781  1.00 8.54  ? 5    AIB B HB23 1 
ATOM   327 N N    . GLN B 1 7  ? -1.963  -11.068 -5.558  1.00 3.50  ? 6    GLN B N    1 
ATOM   328 C CA   . GLN B 1 7  ? -1.929  -9.772  -6.228  1.00 3.19  ? 6    GLN B CA   1 
ATOM   329 C C    . GLN B 1 7  ? -3.201  -8.965  -6.008  1.00 2.97  ? 6    GLN B C    1 
ATOM   330 O O    . GLN B 1 7  ? -3.133  -7.751  -5.806  1.00 3.09  ? 6    GLN B O    1 
ATOM   331 C CB   . GLN B 1 7  ? -1.591  -9.953  -7.691  1.00 3.57  ? 6    GLN B CB   1 
ATOM   332 C CG   . GLN B 1 7  ? -1.239  -8.650  -8.367  1.00 4.67  ? 6    GLN B CG   1 
ATOM   333 C CD   . GLN B 1 7  ? -0.650  -8.792  -9.729  1.00 4.65  ? 6    GLN B CD   1 
ATOM   334 O OE1  . GLN B 1 7  ? 0.139   -9.709  -9.985  1.00 6.45  ? 6    GLN B OE1  1 
ATOM   335 N NE2  . GLN B 1 7  ? -0.966  -7.884  -10.611 1.00 5.02  ? 6    GLN B NE2  1 
ATOM   336 H H    . GLN B 1 7  ? -2.064  -11.784 -6.024  1.00 4.21  ? 6    GLN B H    1 
ATOM   337 H HA   . GLN B 1 7  ? -1.195  -9.263  -5.827  1.00 3.83  ? 6    GLN B HA   1 
ATOM   338 H HB2  . GLN B 1 7  ? -0.842  -10.564 -7.771  1.00 4.28  ? 6    GLN B HB2  1 
ATOM   339 H HB3  . GLN B 1 7  ? -2.350  -10.352 -8.146  1.00 4.28  ? 6    GLN B HB3  1 
ATOM   340 H HG2  . GLN B 1 7  ? -2.042  -8.110  -8.432  1.00 5.61  ? 6    GLN B HG2  1 
ATOM   341 H HG3  . GLN B 1 7  ? -0.609  -8.171  -7.806  1.00 5.61  ? 6    GLN B HG3  1 
ATOM   342 H HE21 . GLN B 1 7  ? -1.518  -7.258  -10.403 1.00 6.02  ? 6    GLN B HE21 1 
ATOM   343 H HE22 . GLN B 1 7  ? -0.623  -7.911  -11.398 1.00 6.02  ? 6    GLN B HE22 1 
HETATM 344 N N    . AIB B 1 8  ? -4.351  -9.633  -6.016  1.00 3.06  ? 7    AIB B N    1 
HETATM 345 C CA   . AIB B 1 8  ? -5.638  -8.996  -5.698  1.00 3.09  ? 7    AIB B CA   1 
HETATM 346 C C    . AIB B 1 8  ? -5.493  -8.298  -4.324  1.00 3.22  ? 7    AIB B C    1 
HETATM 347 O O    . AIB B 1 8  ? -5.785  -7.117  -4.167  1.00 3.82  ? 7    AIB B O    1 
HETATM 348 C CB1  . AIB B 1 8  ? -6.703  -10.100 -5.604  1.00 4.13  ? 7    AIB B CB1  1 
HETATM 349 C CB2  . AIB B 1 8  ? -6.022  -8.003  -6.762  1.00 4.13  ? 7    AIB B CB2  1 
HETATM 350 H H    . AIB B 1 8  ? -4.340  -10.470 -6.214  1.00 3.68  ? 7    AIB B H    1 
HETATM 351 H HB11 . AIB B 1 8  ? -6.458  -10.724 -4.918  1.00 6.20  ? 7    AIB B HB11 1 
HETATM 352 H HB12 . AIB B 1 8  ? -6.765  -10.557 -6.445  1.00 6.20  ? 7    AIB B HB12 1 
HETATM 353 H HB13 . AIB B 1 8  ? -7.553  -9.707  -5.390  1.00 6.20  ? 7    AIB B HB13 1 
HETATM 354 H HB21 . AIB B 1 8  ? -6.107  -8.454  -7.605  1.00 6.19  ? 7    AIB B HB21 1 
HETATM 355 H HB22 . AIB B 1 8  ? -5.344  -7.326  -6.829  1.00 6.19  ? 7    AIB B HB22 1 
HETATM 356 H HB23 . AIB B 1 8  ? -6.860  -7.595  -6.532  1.00 6.19  ? 7    AIB B HB23 1 
HETATM 357 N N    . AIB B 1 9  ? -5.034  -9.067  -3.335  1.00 3.32  ? 8    AIB B N    1 
HETATM 358 C CA   . AIB B 1 9  ? -4.900  -8.567  -1.954  1.00 3.85  ? 8    AIB B CA   1 
HETATM 359 C C    . AIB B 1 9  ? -3.943  -7.368  -1.949  1.00 3.31  ? 8    AIB B C    1 
HETATM 360 O O    . AIB B 1 9  ? -4.220  -6.335  -1.313  1.00 3.87  ? 8    AIB B O    1 
HETATM 361 C CB1  . AIB B 1 9  ? -4.287  -9.674  -1.107  1.00 4.72  ? 8    AIB B CB1  1 
HETATM 362 C CB2  . AIB B 1 9  ? -6.283  -8.183  -1.403  1.00 5.05  ? 8    AIB B CB2  1 
HETATM 363 H H    . AIB B 1 9  ? -4.809  -9.880  -3.509  1.00 3.98  ? 8    AIB B H    1 
HETATM 364 H HB11 . AIB B 1 9  ? -3.421  -9.902  -1.456  1.00 7.07  ? 8    AIB B HB11 1 
HETATM 365 H HB12 . AIB B 1 9  ? -4.854  -10.448 -1.130  1.00 7.07  ? 8    AIB B HB12 1 
HETATM 366 H HB13 . AIB B 1 9  ? -4.197  -9.371  -0.200  1.00 7.07  ? 8    AIB B HB13 1 
HETATM 367 H HB21 . AIB B 1 9  ? -6.661  -7.487  -1.945  1.00 7.58  ? 8    AIB B HB21 1 
HETATM 368 H HB22 . AIB B 1 9  ? -6.193  -7.872  -0.499  1.00 7.58  ? 8    AIB B HB22 1 
HETATM 369 H HB23 . AIB B 1 9  ? -6.859  -8.951  -1.421  1.00 7.58  ? 8    AIB B HB23 1 
HETATM 370 N N    . AIB B 1 10 ? -2.823  -7.496  -2.615  1.00 3.02  ? 9    AIB B N    1 
HETATM 371 C CA   . AIB B 1 10 ? -1.760  -6.481  -2.629  1.00 2.90  ? 9    AIB B CA   1 
HETATM 372 C C    . AIB B 1 10 ? -2.383  -5.141  -3.064  1.00 2.42  ? 9    AIB B C    1 
HETATM 373 O O    . AIB B 1 10 ? -2.033  -4.084  -2.525  1.00 2.67  ? 9    AIB B O    1 
HETATM 374 C CB1  . AIB B 1 10 ? -0.713  -6.860  -3.651  1.00 3.84  ? 9    AIB B CB1  1 
HETATM 375 C CB2  . AIB B 1 10 ? -1.111  -6.344  -1.255  1.00 4.36  ? 9    AIB B CB2  1 
HETATM 376 H H    . AIB B 1 10 ? -2.701  -8.215  -3.070  1.00 3.62  ? 9    AIB B H    1 
HETATM 377 H HB11 . AIB B 1 10 ? -0.308  -7.695  -3.400  1.00 5.77  ? 9    AIB B HB11 1 
HETATM 378 H HB12 . AIB B 1 10 ? -0.039  -6.177  -3.688  1.00 5.77  ? 9    AIB B HB12 1 
HETATM 379 H HB13 . AIB B 1 10 ? -1.124  -6.952  -4.514  1.00 5.77  ? 9    AIB B HB13 1 
HETATM 380 H HB21 . AIB B 1 10 ? -0.733  -7.187  -0.995  1.00 6.55  ? 9    AIB B HB21 1 
HETATM 381 H HB22 . AIB B 1 10 ? -1.775  -6.080  -0.613  1.00 6.55  ? 9    AIB B HB22 1 
HETATM 382 H HB23 . AIB B 1 10 ? -0.419  -5.680  -1.292  1.00 6.55  ? 9    AIB B HB23 1 
ATOM   383 N N    . ALA B 1 11 ? -3.255  -5.179  -4.055  1.00 2.63  ? 10   ALA B N    1 
ATOM   384 C CA   . ALA B 1 11 ? -3.826  -3.967  -4.605  1.00 2.72  ? 10   ALA B CA   1 
ATOM   385 C C    . ALA B 1 11 ? -4.601  -3.143  -3.571  1.00 2.70  ? 10   ALA B C    1 
ATOM   386 O O    . ALA B 1 11 ? -4.799  -1.952  -3.777  1.00 3.78  ? 10   ALA B O    1 
ATOM   387 C CB   . ALA B 1 11 ? -4.730  -4.316  -5.773  1.00 3.40  ? 10   ALA B CB   1 
ATOM   388 H H    . ALA B 1 11 ? -3.489  -5.940  -4.381  1.00 3.16  ? 10   ALA B H    1 
ATOM   389 H HA   . ALA B 1 11 ? -3.092  -3.413  -4.945  1.00 3.27  ? 10   ALA B HA   1 
ATOM   390 H HB1  . ALA B 1 11 ? -5.476  -4.830  -5.457  1.00 5.10  ? 10   ALA B HB1  1 
ATOM   391 H HB2  . ALA B 1 11 ? -5.047  -3.509  -6.185  1.00 5.10  ? 10   ALA B HB2  1 
ATOM   392 H HB3  . ALA B 1 11 ? -4.237  -4.831  -6.416  1.00 5.10  ? 10   ALA B HB3  1 
ATOM   393 N N    . ALA B 1 12 ? -5.080  -3.805  -2.500  1.00 2.64  ? 11   ALA B N    1 
ATOM   394 C CA   . ALA B 1 12 ? -5.781  -3.138  -1.422  1.00 3.24  ? 11   ALA B CA   1 
ATOM   395 C C    . ALA B 1 12 ? -4.883  -2.456  -0.404  1.00 2.63  ? 11   ALA B C    1 
ATOM   396 O O    . ALA B 1 12 ? -5.355  -1.626  0.366   1.00 3.25  ? 11   ALA B O    1 
ATOM   397 C CB   . ALA B 1 12 ? -6.643  -4.164  -0.679  1.00 4.44  ? 11   ALA B CB   1 
ATOM   398 H H    . ALA B 1 12 ? -4.965  -4.656  -2.454  1.00 3.16  ? 11   ALA B H    1 
ATOM   399 H HA   . ALA B 1 12 ? -6.374  -2.461  -1.812  1.00 3.88  ? 11   ALA B HA   1 
ATOM   400 H HB1  . ALA B 1 12 ? -6.075  -4.813  -0.257  1.00 6.66  ? 11   ALA B HB1  1 
ATOM   401 H HB2  . ALA B 1 12 ? -7.168  -3.718  -0.012  1.00 6.66  ? 11   ALA B HB2  1 
ATOM   402 H HB3  . ALA B 1 12 ? -7.224  -4.605  -1.302  1.00 6.66  ? 11   ALA B HB3  1 
HETATM 403 N N    . AIB B 1 13 ? -3.618  -2.852  -0.363  1.00 2.72  ? 12   AIB B N    1 
HETATM 404 C CA   . AIB B 1 13 ? -2.725  -2.461  0.737   1.00 2.88  ? 12   AIB B CA   1 
HETATM 405 C C    . AIB B 1 13 ? -2.690  -0.912  0.886   1.00 2.28  ? 12   AIB B C    1 
HETATM 406 O O    . AIB B 1 13 ? -2.583  -0.432  2.027   1.00 2.80  ? 12   AIB B O    1 
HETATM 407 C CB1  . AIB B 1 13 ? -1.302  -2.905  0.414   1.00 4.02  ? 12   AIB B CB1  1 
HETATM 408 C CB2  . AIB B 1 13 ? -3.206  -3.086  2.043   1.00 4.32  ? 12   AIB B CB2  1 
HETATM 409 H H    . AIB B 1 13 ? -3.312  -3.349  -0.994  1.00 3.26  ? 12   AIB B H    1 
HETATM 410 H HB11 . AIB B 1 13 ? -1.022  -2.506  -0.413  1.00 6.04  ? 12   AIB B HB11 1 
HETATM 411 H HB12 . AIB B 1 13 ? -1.276  -3.861  0.332   1.00 6.04  ? 12   AIB B HB12 1 
HETATM 412 H HB13 . AIB B 1 13 ? -0.713  -2.629  1.119   1.00 6.04  ? 12   AIB B HB13 1 
HETATM 413 H HB21 . AIB B 1 13 ? -4.105  -2.801  2.222   1.00 6.47  ? 12   AIB B HB21 1 
HETATM 414 H HB22 . AIB B 1 13 ? -2.633  -2.806  2.761   1.00 6.47  ? 12   AIB B HB22 1 
HETATM 415 H HB23 . AIB B 1 13 ? -3.182  -4.042  1.969   1.00 6.47  ? 12   AIB B HB23 1 
ATOM   416 N N    . PRO B 1 14 ? -2.708  -0.120  -0.183  1.00 2.31  ? 13   PRO B N    1 
ATOM   417 C CA   . PRO B 1 14 ? -2.607  1.350   0.024   1.00 2.41  ? 13   PRO B CA   1 
ATOM   418 C C    . PRO B 1 14 ? -3.740  1.932   0.824   1.00 2.01  ? 13   PRO B C    1 
ATOM   419 O O    . PRO B 1 14 ? -3.576  3.038   1.381   1.00 2.59  ? 13   PRO B O    1 
ATOM   420 C CB   . PRO B 1 14 ? -2.597  1.909   -1.399  1.00 3.20  ? 13   PRO B CB   1 
ATOM   421 C CG   . PRO B 1 14 ? -1.999  0.786   -2.215  1.00 3.50  ? 13   PRO B CG   1 
ATOM   422 C CD   . PRO B 1 14 ? -2.661  -0.444  -1.621  1.00 3.11  ? 13   PRO B CD   1 
ATOM   423 H HA   . PRO B 1 14 ? -1.756  1.560   0.463   1.00 2.90  ? 13   PRO B HA   1 
ATOM   424 H HB2  . PRO B 1 14 ? -3.495  2.118   -1.698  1.00 3.84  ? 13   PRO B HB2  1 
ATOM   425 H HB3  . PRO B 1 14 ? -2.051  2.709   -1.455  1.00 3.84  ? 13   PRO B HB3  1 
ATOM   426 H HG2  . PRO B 1 14 ? -2.217  0.881   -3.156  1.00 4.20  ? 13   PRO B HG2  1 
ATOM   427 H HG3  . PRO B 1 14 ? -1.036  0.750   -2.113  1.00 4.20  ? 13   PRO B HG3  1 
ATOM   428 H HD2  . PRO B 1 14 ? -3.553  -0.573  -1.982  1.00 3.73  ? 13   PRO B HD2  1 
ATOM   429 H HD3  . PRO B 1 14 ? -2.134  -1.242  -1.784  1.00 3.73  ? 13   PRO B HD3  1 
ATOM   430 N N    . LEU B 1 15 ? -4.896  1.273   0.897   1.00 2.03  ? 14   LEU B N    1 
ATOM   431 C CA   . LEU B 1 15 ? -5.980  1.734   1.753   1.00 2.33  ? 14   LEU B CA   1 
ATOM   432 C C    . LEU B 1 15 ? -5.538  1.729   3.222   1.00 2.38  ? 14   LEU B C    1 
ATOM   433 O O    . LEU B 1 15 ? -5.617  2.724   3.930   1.00 3.06  ? 14   LEU B O    1 
ATOM   434 C CB   . LEU B 1 15 ? -7.218  0.872   1.539   1.00 2.77  ? 14   LEU B CB   1 
ATOM   435 C CG   . LEU B 1 15 ? -8.326  1.044   2.545   1.00 3.50  ? 14   LEU B CG   1 
ATOM   436 C CD1  . LEU B 1 15 ? -8.901  2.455   2.568   1.00 4.94  ? 14   LEU B CD1  1 
ATOM   437 C CD2  . LEU B 1 15 ? -9.412  0.018   2.245   1.00 4.61  ? 14   LEU B CD2  1 
ATOM   438 H H    . LEU B 1 15 ? -5.004  0.560   0.428   1.00 2.44  ? 14   LEU B H    1 
ATOM   439 H HA   . LEU B 1 15 ? -6.200  2.656   1.501   1.00 2.79  ? 14   LEU B HA   1 
ATOM   440 H HB2  . LEU B 1 15 ? -7.576  1.065   0.658   1.00 3.33  ? 14   LEU B HB2  1 
ATOM   441 H HB3  . LEU B 1 15 ? -6.946  -0.059  1.543   1.00 3.33  ? 14   LEU B HB3  1 
ATOM   442 H HG   . LEU B 1 15 ? -7.962  0.850   3.434   1.00 4.20  ? 14   LEU B HG   1 
ATOM   443 H HD11 . LEU B 1 15 ? -9.261  2.668   1.704   1.00 7.42  ? 14   LEU B HD11 1 
ATOM   444 H HD12 . LEU B 1 15 ? -9.600  2.505   3.225   1.00 7.42  ? 14   LEU B HD12 1 
ATOM   445 H HD13 . LEU B 1 15 ? -8.207  3.080   2.790   1.00 7.42  ? 14   LEU B HD13 1 
ATOM   446 H HD21 . LEU B 1 15 ? -9.026  -0.861  2.232   1.00 6.91  ? 14   LEU B HD21 1 
ATOM   447 H HD22 . LEU B 1 15 ? -10.089 0.062   2.923   1.00 6.91  ? 14   LEU B HD22 1 
ATOM   448 H HD23 . LEU B 1 15 ? -9.804  0.208   1.389   1.00 6.91  ? 14   LEU B HD23 1 
HETATM 449 N N    . AIB B 1 16 ? -5.104  0.548   3.677   1.00 2.90  ? 15   AIB B N    1 
HETATM 450 C CA   . AIB B 1 16 ? -4.654  0.379   5.046   1.00 2.89  ? 15   AIB B CA   1 
HETATM 451 C C    . AIB B 1 16 ? -3.539  1.408   5.347   1.00 2.49  ? 15   AIB B C    1 
HETATM 452 O O    . AIB B 1 16 ? -3.489  2.033   6.403   1.00 3.28  ? 15   AIB B O    1 
HETATM 453 C CB1  . AIB B 1 16 ? -4.024  -1.009  5.165   1.00 4.21  ? 15   AIB B CB1  1 
HETATM 454 C CB2  . AIB B 1 16 ? -5.803  0.544   6.032   1.00 4.18  ? 15   AIB B CB2  1 
HETATM 455 H H    . AIB B 1 16 ? -5.090  -0.128  3.145   1.00 3.48  ? 15   AIB B H    1 
HETATM 456 H HB11 . AIB B 1 16 ? -3.304  -1.088  4.535   1.00 6.31  ? 15   AIB B HB11 1 
HETATM 457 H HB12 . AIB B 1 16 ? -4.688  -1.679  4.980   1.00 6.31  ? 15   AIB B HB12 1 
HETATM 458 H HB13 . AIB B 1 16 ? -3.686  -1.133  6.055   1.00 6.31  ? 15   AIB B HB13 1 
HETATM 459 H HB21 . AIB B 1 16 ? -6.182  1.421   5.939   1.00 6.27  ? 15   AIB B HB21 1 
HETATM 460 H HB22 . AIB B 1 16 ? -5.475  0.431   6.928   1.00 6.27  ? 15   AIB B HB22 1 
HETATM 461 H HB23 . AIB B 1 16 ? -6.476  -0.117  5.853   1.00 6.27  ? 15   AIB B HB23 1 
HETATM 462 N N    . AIB B 1 17 ? -2.617  1.528   4.412   1.00 2.28  ? 16   AIB B N    1 
HETATM 463 C CA   . AIB B 1 17 ? -1.400  2.333   4.589   1.00 2.37  ? 16   AIB B CA   1 
HETATM 464 C C    . AIB B 1 17 ? -1.789  3.781   4.913   1.00 2.19  ? 16   AIB B C    1 
HETATM 465 O O    . AIB B 1 17 ? -1.134  4.445   5.712   1.00 2.97  ? 16   AIB B O    1 
HETATM 466 C CB1  . AIB B 1 17 ? -0.634  2.333   3.264   1.00 3.17  ? 16   AIB B CB1  1 
HETATM 467 C CB2  . AIB B 1 17 ? -0.529  1.745   5.684   1.00 3.43  ? 16   AIB B CB2  1 
HETATM 468 H H    . AIB B 1 17 ? -2.734  1.118   3.665   1.00 2.73  ? 16   AIB B H    1 
HETATM 469 H HB11 . AIB B 1 17 ? -0.383  1.434   3.040   1.00 4.75  ? 16   AIB B HB11 1 
HETATM 470 H HB12 . AIB B 1 17 ? 0.155   2.873   3.351   1.00 4.75  ? 16   AIB B HB12 1 
HETATM 471 H HB13 . AIB B 1 17 ? -1.193  2.692   2.571   1.00 4.75  ? 16   AIB B HB13 1 
HETATM 472 H HB21 . AIB B 1 17 ? -0.301  0.840   5.462   1.00 5.15  ? 16   AIB B HB21 1 
HETATM 473 H HB22 . AIB B 1 17 ? -1.008  1.759   6.516   1.00 5.15  ? 16   AIB B HB22 1 
HETATM 474 H HB23 . AIB B 1 17 ? 0.274   2.266   5.769   1.00 5.15  ? 16   AIB B HB23 1 
ATOM   475 N N    . GLN B 1 18 ? -2.808  4.292   4.220   1.00 2.23  ? 17   GLN B N    1 
ATOM   476 C CA   . GLN B 1 18 ? -3.202  5.687   4.375   1.00 2.55  ? 17   GLN B CA   1 
ATOM   477 C C    . GLN B 1 18 ? -4.089  5.930   5.592   1.00 3.25  ? 17   GLN B C    1 
ATOM   478 O O    . GLN B 1 18 ? -4.030  7.037   6.146   1.00 5.24  ? 17   GLN B O    1 
ATOM   479 C CB   . GLN B 1 18 ? -3.973  6.160   3.153   1.00 2.45  ? 17   GLN B CB   1 
ATOM   480 C CG   . GLN B 1 18 ? -3.141  6.251   1.892   1.00 2.65  ? 17   GLN B CG   1 
ATOM   481 C CD   . GLN B 1 18 ? -4.035  6.628   0.745   1.00 3.08  ? 17   GLN B CD   1 
ATOM   482 O OE1  . GLN B 1 18 ? -4.612  5.607   0.097   1.00 5.26  ? 17   GLN B OE1  1 
ATOM   483 N NE2  . GLN B 1 18 ? -4.252  7.790   0.454   1.00 3.74  ? 17   GLN B NE2  1 
ATOM   484 H H    . GLN B 1 18 ? -3.240  3.789   3.671   1.00 2.68  ? 17   GLN B H    1 
ATOM   485 H HA   . GLN B 1 18 ? -2.393  6.232   4.465   1.00 3.06  ? 17   GLN B HA   1 
ATOM   486 H HB2  . GLN B 1 18 ? -4.710  5.550   2.996   1.00 2.94  ? 17   GLN B HB2  1 
ATOM   487 H HB3  . GLN B 1 18 ? -4.349  7.034   3.341   1.00 2.94  ? 17   GLN B HB3  1 
ATOM   488 H HG2  . GLN B 1 18 ? -2.446  6.919   2.002   1.00 3.18  ? 17   GLN B HG2  1 
ATOM   489 H HG3  . GLN B 1 18 ? -2.717  5.397   1.713   1.00 3.18  ? 17   GLN B HG3  1 
ATOM   490 H HE21 . GLN B 1 18 ? -3.865  8.422   0.889   1.00 4.49  ? 17   GLN B HE21 1 
ATOM   491 H HE22 . GLN B 1 18 ? -4.791  7.978   -0.190  1.00 4.49  ? 17   GLN B HE22 1 
HETATM 492 N N    . VOL B 1 19 ? -4.951  4.995   5.933   1.00 4.39  ? 18   VOL B N    1 
HETATM 493 C CA   . VOL B 1 19 ? -5.915  5.008   6.997   1.00 6.04  ? 18   VOL B CA   1 
HETATM 494 C CB   . VOL B 1 19 ? -7.301  4.726   6.547   1.00 11.39 ? 18   VOL B CB   1 
HETATM 495 C CG1  . VOL B 1 19 ? -8.341  4.707   7.687   1.00 16.46 ? 18   VOL B CG1  1 
HETATM 496 C CG2  . VOL B 1 19 ? -7.838  5.292   5.297   1.00 12.65 ? 18   VOL B CG2  1 
HETATM 497 C C    . VOL B 1 19 ? -5.429  4.630   8.242   1.00 10.00 ? 18   VOL B C    1 
HETATM 498 O O    . VOL B 1 19 ? -5.312  3.237   8.280   1.00 9.46  ? 18   VOL B O    1 
HETATM 499 H H    . VOL B 1 19 ? -4.934  4.280   5.454   1.00 5.27  ? 18   VOL B H    1 
HETATM 500 H HA   . VOL B 1 19 ? -5.985  5.975   7.139   1.00 7.25  ? 18   VOL B HA   1 
HETATM 501 H HB   . VOL B 1 19 ? -7.243  3.775   6.321   1.00 13.67 ? 18   VOL B HB   1 
HETATM 502 H HG1  . VOL B 1 19 ? -7.957  4.289   8.462   1.00 24.68 ? 18   VOL B HG1  1 
HETATM 503 H HG2  . VOL B 1 19 ? -9.114  4.213   7.407   1.00 24.68 ? 18   VOL B HG2  1 
HETATM 504 H HG3  . VOL B 1 19 ? -8.596  5.606   7.902   1.00 24.68 ? 18   VOL B HG3  1 
HETATM 505 H H21  . VOL B 1 19 ? -7.191  5.188   4.595   1.00 18.97 ? 18   VOL B H21  1 
HETATM 506 H H22  . VOL B 1 19 ? -8.026  6.226   5.424   1.00 18.97 ? 18   VOL B H22  1 
HETATM 507 H H23  . VOL B 1 19 ? -8.647  4.834   5.058   1.00 18.97 ? 18   VOL B H23  1 
HETATM 508 H HH1  . VOL B 1 19 ? -6.035  4.929   8.938   1.00 12.00 ? 18   VOL B HH1  1 
HETATM 509 H HH2  . VOL B 1 19 ? -4.563  5.037   8.397   1.00 12.00 ? 18   VOL B HH2  1 
HETATM 510 H HH   . VOL B 1 19 ? -4.746  2.995   7.740   1.00 14.19 ? 18   VOL B HH   1 
HETATM 511 N N    . CCN C 2 .  ? -7.877  7.726   2.689   1.00 61.54 ? 19   CCN A N    1 
HETATM 512 C C1   . CCN C 2 .  ? -7.672  7.015   1.625   1.00 66.55 ? 19   CCN A C1   1 
HETATM 513 C C2   . CCN C 2 .  ? -8.375  5.766   1.488   1.00 62.07 ? 19   CCN A C2   1 
HETATM 514 H H21  . CCN C 2 .  ? -8.051  5.300   0.713   1.00 93.11 ? 19   CCN A H21  1 
HETATM 515 H H22  . CCN C 2 .  ? -9.314  5.938   1.387   1.00 93.11 ? 19   CCN A H22  1 
HETATM 516 H H23  . CCN C 2 .  ? -8.229  5.229   2.270   1.00 93.11 ? 19   CCN A H23  1 
HETATM 517 N N    . CCN D 2 .  ? 1.484   -9.906  -4.052  1.00 31.89 ? 19   CCN B N    1 
HETATM 518 C C1   . CCN D 2 .  ? 1.551   -10.179 -5.346  1.00 46.02 ? 19   CCN B C1   1 
HETATM 519 C C2   . CCN D 2 .  ? 1.408   -9.155  -6.394  1.00 28.84 ? 19   CCN B C2   1 
HETATM 520 H H21  . CCN D 2 .  ? 1.163   -9.575  -7.221  1.00 43.26 ? 19   CCN B H21  1 
HETATM 521 H H22  . CCN D 2 .  ? 2.240   -8.690  -6.503  1.00 43.26 ? 19   CCN B H22  1 
HETATM 522 H H23  . CCN D 2 .  ? 0.724   -8.529  -6.138  1.00 43.26 ? 19   CCN B H23  1 
HETATM 523 O O    . HOH E 3 .  ? 1.389   1.282   -3.141  1.00 15.87 ? 2001 HOH A O    1 
HETATM 524 O O    . HOH E 3 .  ? 8.481   -8.610  2.399   1.00 26.98 ? 2002 HOH A O    1 
HETATM 525 O O    . HOH F 3 .  ? -6.554  0.098   -3.078  1.00 12.64 ? 2001 HOH B O    1 
HETATM 526 O O    . HOH F 3 .  ? -2.014  9.083   5.837   1.00 11.24 ? 2002 HOH B O    1 
HETATM 527 O O    . HOH F 3 .  ? -5.123  10.337  -0.552  1.00 31.59 ? 2003 HOH B O    1 
# 
